data_8WX7
#
_entry.id   8WX7
#
_cell.length_a   45.711
_cell.length_b   211.121
_cell.length_c   55.839
_cell.angle_alpha   90.00
_cell.angle_beta   95.83
_cell.angle_gamma   90.00
#
_symmetry.space_group_name_H-M   'P 1 21 1'
#
loop_
_entity.id
_entity.type
_entity.pdbx_description
1 polymer 'Tyrosine-protein phosphatase non-receptor type 11'
2 non-polymer 1,2-ETHANEDIOL
3 non-polymer "(5~{S})-1'-[6-azanyl-5-(2-azanyl-3-chloranyl-pyridin-4-yl)sulfanyl-pyrazin-2-yl]spiro[5,7-dihydrocyclopenta[b]pyridine-6,4'-piperidine]-5-amine"
4 non-polymer 'SULFATE ION'
5 non-polymer 'CHLORIDE ION'
6 water water
#
_entity_poly.entity_id   1
_entity_poly.type   'polypeptide(L)'
_entity_poly.pdbx_seq_one_letter_code
;GMTSRRWFHPNITGVEAENLLLTRGVDGSFLARPSKSNPGDFTLSVRRNGAVTHIKIQNTGDYYDLYGGEKFATLAELVQ
YYMEHHGQLKEKNGDVIELKYPLNCADPTSERWFHGHLSGKEAEKLLTEKGKHGSFLVRESQSHPGDFVLSVRTGDDKGE
SNDGKSKVTHVMIRCQELKYDVGGGERFDSLTDLVEHYKKNPMVETLGTVLQLKQPLNTTRINAAEIESRVRELSKLAET
TDKVKQGFWEEFETLQQQECKLLYSRKEGQRQENKNKNRYKNILPFDHTRVVLHDGDPNEPVSDYINANIIMPEFETKCN
NSKPKKSYIATQGCLQNTVNDFWRMVFQENSRVIVMTTKEVERGKSKCVKYWPDEYALKEYGVMRVRNVKESAAHDYTLR
ELKLSKVGQGNTERTVWQYHFRTWPDHGVPSDPGGVLDFLEEVHHKQESIMDAGPVVVHCSAGIGRTGTFIVIDILIDII
REKGVDCDIDVPKTIQMVRSQRSGMVQTEAQYRFIYMAVQHYIETL
;
_entity_poly.pdbx_strand_id   A,B
#
# COMPACT_ATOMS: atom_id res chain seq x y z
N THR A 3 -26.80 2.26 -35.59
CA THR A 3 -27.17 3.69 -35.91
C THR A 3 -25.89 4.54 -35.95
N SER A 4 -26.01 5.85 -35.74
CA SER A 4 -24.89 6.83 -35.75
C SER A 4 -24.77 7.49 -34.38
N ARG A 5 -23.57 7.97 -34.05
CA ARG A 5 -23.28 8.82 -32.86
C ARG A 5 -22.64 10.12 -33.35
N ARG A 6 -23.06 10.58 -34.53
CA ARG A 6 -22.49 11.77 -35.23
C ARG A 6 -22.89 13.07 -34.51
N TRP A 7 -23.83 13.00 -33.56
CA TRP A 7 -24.30 14.20 -32.81
C TRP A 7 -23.28 14.58 -31.74
N PHE A 8 -22.26 13.72 -31.46
CA PHE A 8 -21.17 14.02 -30.50
C PHE A 8 -19.98 14.65 -31.23
N HIS A 9 -19.59 15.84 -30.77
CA HIS A 9 -18.45 16.65 -31.31
C HIS A 9 -17.32 16.65 -30.28
N PRO A 10 -16.27 15.83 -30.45
CA PRO A 10 -15.24 15.72 -29.41
C PRO A 10 -14.34 16.94 -29.23
N ASN A 11 -14.10 17.72 -30.29
CA ASN A 11 -13.05 18.77 -30.34
C ASN A 11 -13.68 20.17 -30.45
N ILE A 12 -14.87 20.38 -29.90
CA ILE A 12 -15.63 21.65 -30.08
C ILE A 12 -15.73 22.40 -28.73
N THR A 13 -15.58 23.73 -28.78
CA THR A 13 -15.81 24.66 -27.64
C THR A 13 -17.31 24.98 -27.59
N GLY A 14 -17.77 25.62 -26.51
CA GLY A 14 -19.17 26.07 -26.35
C GLY A 14 -19.53 27.19 -27.31
N VAL A 15 -18.55 28.01 -27.73
CA VAL A 15 -18.74 29.09 -28.72
C VAL A 15 -18.93 28.45 -30.11
N GLU A 16 -18.01 27.57 -30.51
CA GLU A 16 -18.04 26.86 -31.83
C GLU A 16 -19.38 26.13 -32.00
N ALA A 17 -19.91 25.54 -30.92
CA ALA A 17 -21.17 24.76 -30.88
C ALA A 17 -22.35 25.67 -31.17
N GLU A 18 -22.43 26.80 -30.47
CA GLU A 18 -23.48 27.83 -30.68
C GLU A 18 -23.48 28.26 -32.15
N ASN A 19 -22.31 28.64 -32.67
CA ASN A 19 -22.17 29.14 -34.06
CA ASN A 19 -22.19 29.15 -34.06
C ASN A 19 -22.62 28.05 -35.04
N LEU A 20 -22.20 26.80 -34.79
CA LEU A 20 -22.56 25.63 -35.64
C LEU A 20 -24.09 25.45 -35.63
N LEU A 21 -24.73 25.59 -34.46
CA LEU A 21 -26.20 25.42 -34.29
C LEU A 21 -26.94 26.64 -34.87
N LEU A 22 -26.34 27.83 -34.79
CA LEU A 22 -26.97 29.09 -35.25
C LEU A 22 -26.83 29.23 -36.77
N THR A 23 -25.77 28.70 -37.40
CA THR A 23 -25.56 28.84 -38.87
C THR A 23 -26.02 27.58 -39.64
N ARG A 24 -25.66 26.38 -39.19
CA ARG A 24 -25.89 25.14 -39.98
C ARG A 24 -27.04 24.31 -39.38
N GLY A 25 -27.71 24.80 -38.33
CA GLY A 25 -28.83 24.07 -37.70
C GLY A 25 -30.12 24.87 -37.73
N VAL A 26 -31.20 24.33 -37.16
CA VAL A 26 -32.53 24.98 -37.03
C VAL A 26 -33.11 24.70 -35.63
N ASP A 27 -34.25 25.30 -35.29
CA ASP A 27 -34.96 25.02 -34.01
C ASP A 27 -35.13 23.50 -33.85
N GLY A 28 -34.72 22.94 -32.71
CA GLY A 28 -34.83 21.49 -32.41
C GLY A 28 -33.56 20.72 -32.75
N SER A 29 -32.58 21.37 -33.38
CA SER A 29 -31.22 20.82 -33.63
C SER A 29 -30.44 20.73 -32.31
N PHE A 30 -29.56 19.72 -32.21
CA PHE A 30 -28.77 19.44 -30.99
C PHE A 30 -27.45 18.75 -31.36
N LEU A 31 -26.47 18.93 -30.48
CA LEU A 31 -25.20 18.17 -30.44
C LEU A 31 -24.80 18.02 -28.97
N ALA A 32 -23.90 17.10 -28.71
CA ALA A 32 -23.32 16.89 -27.37
C ALA A 32 -21.80 17.00 -27.52
N ARG A 33 -21.12 17.38 -26.43
CA ARG A 33 -19.66 17.69 -26.45
C ARG A 33 -19.11 17.63 -25.02
N PRO A 34 -17.77 17.55 -24.89
CA PRO A 34 -17.09 17.74 -23.60
C PRO A 34 -17.35 19.13 -23.02
N SER A 35 -17.51 19.24 -21.70
CA SER A 35 -17.45 20.57 -21.02
C SER A 35 -16.00 21.01 -20.91
N LYS A 36 -15.76 22.28 -21.22
CA LYS A 36 -14.43 22.95 -21.15
C LYS A 36 -14.23 23.47 -19.71
N SER A 37 -15.34 23.74 -19.02
CA SER A 37 -15.40 24.39 -17.68
C SER A 37 -15.62 23.35 -16.55
N ASN A 38 -15.92 22.09 -16.90
CA ASN A 38 -16.04 20.96 -15.94
C ASN A 38 -15.47 19.70 -16.61
N PRO A 39 -14.14 19.62 -16.86
CA PRO A 39 -13.56 18.46 -17.54
C PRO A 39 -14.01 17.14 -16.88
N GLY A 40 -14.24 16.11 -17.70
CA GLY A 40 -14.82 14.82 -17.26
C GLY A 40 -16.32 14.81 -17.44
N ASP A 41 -16.95 16.00 -17.50
CA ASP A 41 -18.40 16.20 -17.77
C ASP A 41 -18.66 16.52 -19.24
N PHE A 42 -19.94 16.61 -19.61
CA PHE A 42 -20.37 16.85 -21.00
C PHE A 42 -21.53 17.85 -21.03
N THR A 43 -21.83 18.33 -22.22
CA THR A 43 -22.82 19.42 -22.47
C THR A 43 -23.72 19.03 -23.64
N LEU A 44 -25.03 18.96 -23.38
CA LEU A 44 -26.08 18.91 -24.42
C LEU A 44 -26.41 20.34 -24.85
N SER A 45 -26.10 20.69 -26.10
CA SER A 45 -26.31 22.03 -26.73
C SER A 45 -27.50 21.96 -27.72
N VAL A 46 -28.66 22.52 -27.34
CA VAL A 46 -29.93 22.47 -28.10
C VAL A 46 -30.28 23.87 -28.60
N ARG A 47 -30.85 23.98 -29.79
CA ARG A 47 -31.34 25.28 -30.35
C ARG A 47 -32.86 25.32 -30.23
N ARG A 48 -33.38 26.35 -29.55
CA ARG A 48 -34.84 26.64 -29.41
C ARG A 48 -35.01 28.16 -29.56
N ASN A 49 -36.02 28.58 -30.34
CA ASN A 49 -36.40 30.01 -30.55
C ASN A 49 -35.18 30.81 -31.03
N GLY A 50 -34.47 30.30 -32.05
CA GLY A 50 -33.32 30.96 -32.69
C GLY A 50 -32.15 31.14 -31.74
N ALA A 51 -32.17 30.46 -30.60
CA ALA A 51 -31.16 30.59 -29.51
C ALA A 51 -30.72 29.20 -29.01
N VAL A 52 -29.63 29.14 -28.26
CA VAL A 52 -28.98 27.87 -27.82
C VAL A 52 -28.98 27.81 -26.29
N THR A 53 -29.54 26.72 -25.74
CA THR A 53 -29.41 26.31 -24.32
C THR A 53 -28.31 25.27 -24.23
N HIS A 54 -27.43 25.43 -23.24
CA HIS A 54 -26.39 24.44 -22.84
C HIS A 54 -26.85 23.77 -21.55
N ILE A 55 -27.07 22.45 -21.58
CA ILE A 55 -27.51 21.62 -20.43
C ILE A 55 -26.35 20.71 -20.01
N LYS A 56 -25.99 20.75 -18.72
CA LYS A 56 -24.82 20.04 -18.13
C LYS A 56 -25.17 18.56 -17.99
N ILE A 57 -24.26 17.68 -18.44
CA ILE A 57 -24.29 16.22 -18.12
C ILE A 57 -23.06 15.91 -17.27
N GLN A 58 -23.29 15.56 -16.00
CA GLN A 58 -22.24 15.13 -15.05
C GLN A 58 -22.03 13.62 -15.17
N ASN A 59 -20.78 13.17 -15.10
CA ASN A 59 -20.46 11.75 -14.82
C ASN A 59 -19.29 11.67 -13.84
N THR A 60 -19.53 11.18 -12.61
CA THR A 60 -18.51 11.02 -11.54
C THR A 60 -18.06 9.55 -11.46
N GLY A 61 -18.63 8.66 -12.27
CA GLY A 61 -18.20 7.24 -12.26
C GLY A 61 -19.35 6.26 -12.20
N ASP A 62 -20.59 6.73 -12.01
CA ASP A 62 -21.76 5.86 -11.74
C ASP A 62 -22.75 5.89 -12.92
N TYR A 63 -22.97 7.06 -13.52
CA TYR A 63 -23.98 7.31 -14.57
C TYR A 63 -23.81 8.73 -15.11
N TYR A 64 -24.53 9.01 -16.18
CA TYR A 64 -24.55 10.33 -16.83
C TYR A 64 -25.80 11.02 -16.29
N ASP A 65 -25.57 12.06 -15.50
CA ASP A 65 -26.62 12.82 -14.80
C ASP A 65 -26.93 14.05 -15.66
N LEU A 66 -28.11 14.09 -16.29
CA LEU A 66 -28.60 15.25 -17.06
C LEU A 66 -29.34 16.20 -16.12
N TYR A 67 -28.79 17.40 -15.88
CA TYR A 67 -29.45 18.50 -15.12
C TYR A 67 -30.86 18.72 -15.68
N GLY A 68 -31.86 18.66 -14.80
CA GLY A 68 -33.29 18.83 -15.14
C GLY A 68 -33.83 17.66 -15.94
N GLY A 69 -33.14 16.50 -15.89
CA GLY A 69 -33.52 15.30 -16.64
C GLY A 69 -33.31 14.03 -15.82
N GLU A 70 -32.93 12.93 -16.47
CA GLU A 70 -32.82 11.63 -15.78
C GLU A 70 -31.35 11.20 -15.82
N LYS A 71 -31.07 10.03 -15.26
CA LYS A 71 -29.73 9.40 -15.24
C LYS A 71 -29.73 8.28 -16.27
N PHE A 72 -28.64 8.14 -17.02
CA PHE A 72 -28.53 7.26 -18.21
C PHE A 72 -27.20 6.48 -18.13
N ALA A 73 -27.16 5.30 -18.74
CA ALA A 73 -25.98 4.39 -18.83
C ALA A 73 -25.01 4.90 -19.90
N THR A 74 -25.51 5.51 -20.98
CA THR A 74 -24.68 6.05 -22.09
C THR A 74 -25.31 7.35 -22.61
N LEU A 75 -24.51 8.21 -23.24
CA LEU A 75 -25.05 9.37 -24.02
C LEU A 75 -25.93 8.87 -25.19
N ALA A 76 -25.62 7.75 -25.85
CA ALA A 76 -26.49 7.23 -26.93
C ALA A 76 -27.86 6.85 -26.35
N GLU A 77 -27.92 6.16 -25.21
CA GLU A 77 -29.20 5.76 -24.58
C GLU A 77 -29.97 7.02 -24.14
N LEU A 78 -29.26 8.04 -23.63
CA LEU A 78 -29.80 9.40 -23.31
C LEU A 78 -30.46 9.99 -24.55
N VAL A 79 -29.70 10.08 -25.65
CA VAL A 79 -30.18 10.77 -26.89
C VAL A 79 -31.32 9.97 -27.51
N GLN A 80 -31.22 8.63 -27.56
CA GLN A 80 -32.36 7.77 -28.02
C GLN A 80 -33.61 8.02 -27.15
N TYR A 81 -33.47 8.17 -25.84
CA TYR A 81 -34.63 8.30 -24.92
C TYR A 81 -35.40 9.59 -25.26
N TYR A 82 -34.69 10.71 -25.37
CA TYR A 82 -35.30 12.04 -25.53
C TYR A 82 -35.86 12.19 -26.95
N MET A 83 -35.11 11.79 -27.97
CA MET A 83 -35.54 11.76 -29.40
C MET A 83 -36.78 10.87 -29.57
N GLU A 84 -36.93 9.77 -28.82
CA GLU A 84 -38.11 8.88 -28.88
C GLU A 84 -39.18 9.35 -27.88
N HIS A 85 -39.14 10.64 -27.50
CA HIS A 85 -40.02 11.31 -26.48
C HIS A 85 -40.60 10.26 -25.54
N HIS A 86 -39.80 9.81 -24.57
CA HIS A 86 -40.01 8.54 -23.83
C HIS A 86 -40.21 8.82 -22.34
N GLN A 88 -40.18 13.87 -21.65
CA GLN A 88 -39.92 15.29 -22.04
C GLN A 88 -38.76 15.80 -21.20
N LEU A 89 -37.88 16.60 -21.79
CA LEU A 89 -36.66 17.17 -21.14
C LEU A 89 -36.98 18.58 -20.65
N VAL A 96 -40.63 23.05 -22.14
CA VAL A 96 -40.23 21.76 -22.78
C VAL A 96 -39.17 22.06 -23.85
N ILE A 97 -38.14 21.19 -23.94
CA ILE A 97 -37.01 21.31 -24.90
C ILE A 97 -36.95 20.02 -25.73
N GLU A 98 -36.88 20.13 -27.06
CA GLU A 98 -37.03 19.00 -28.00
C GLU A 98 -35.68 18.66 -28.63
N LEU A 99 -35.29 17.38 -28.60
CA LEU A 99 -34.16 16.86 -29.41
C LEU A 99 -34.74 16.30 -30.71
N LYS A 100 -34.75 17.10 -31.79
CA LYS A 100 -35.37 16.72 -33.09
C LYS A 100 -34.30 16.28 -34.09
N TYR A 101 -33.28 17.12 -34.28
CA TYR A 101 -32.35 17.07 -35.44
C TYR A 101 -30.92 16.97 -34.95
N PRO A 102 -30.31 15.76 -34.91
CA PRO A 102 -28.90 15.66 -34.58
C PRO A 102 -28.08 16.53 -35.54
N LEU A 103 -27.17 17.36 -35.05
CA LEU A 103 -26.26 18.13 -35.93
C LEU A 103 -24.94 17.35 -36.02
N ASN A 104 -24.60 16.89 -37.22
CA ASN A 104 -23.55 15.87 -37.42
C ASN A 104 -22.16 16.50 -37.45
N CYS A 105 -21.24 15.81 -36.79
CA CYS A 105 -19.79 16.12 -36.72
C CYS A 105 -19.10 15.53 -37.95
N ALA A 106 -18.20 16.29 -38.59
CA ALA A 106 -17.37 15.82 -39.73
C ALA A 106 -16.01 15.36 -39.24
N ASP A 107 -15.64 15.78 -38.02
CA ASP A 107 -14.33 15.47 -37.41
C ASP A 107 -14.24 13.95 -37.34
N PRO A 108 -13.21 13.31 -37.96
CA PRO A 108 -13.03 11.86 -37.89
C PRO A 108 -12.26 11.34 -36.67
N THR A 109 -11.92 12.20 -35.70
CA THR A 109 -10.97 11.92 -34.58
C THR A 109 -11.30 10.56 -33.91
N SER A 110 -12.59 10.20 -33.80
CA SER A 110 -13.10 9.11 -32.93
C SER A 110 -13.54 7.90 -33.75
N GLU A 111 -13.21 7.85 -35.03
CA GLU A 111 -13.46 6.66 -35.87
C GLU A 111 -12.34 5.66 -35.58
N ARG A 112 -12.69 4.38 -35.54
CA ARG A 112 -11.76 3.27 -35.31
C ARG A 112 -10.65 3.28 -36.36
N TRP A 113 -11.00 3.68 -37.58
CA TRP A 113 -10.11 3.56 -38.77
C TRP A 113 -9.21 4.80 -38.93
N PHE A 114 -9.33 5.83 -38.10
CA PHE A 114 -8.61 7.13 -38.28
C PHE A 114 -7.40 7.21 -37.35
N HIS A 115 -6.20 7.46 -37.91
CA HIS A 115 -4.92 7.46 -37.15
C HIS A 115 -4.20 8.80 -37.24
N GLY A 116 -4.91 9.90 -37.54
CA GLY A 116 -4.35 11.26 -37.42
C GLY A 116 -2.98 11.38 -38.08
N HIS A 117 -1.99 12.01 -37.43
CA HIS A 117 -0.65 12.30 -38.04
C HIS A 117 0.26 11.08 -37.88
N LEU A 118 -0.10 9.96 -38.51
CA LEU A 118 0.65 8.69 -38.58
C LEU A 118 1.36 8.59 -39.93
N SER A 119 2.66 8.29 -39.93
CA SER A 119 3.55 8.17 -41.12
C SER A 119 3.14 6.95 -41.95
N GLY A 120 3.44 6.96 -43.26
CA GLY A 120 3.18 5.85 -44.19
C GLY A 120 4.08 4.66 -43.87
N LYS A 121 5.25 4.96 -43.29
CA LYS A 121 6.24 3.95 -42.81
C LYS A 121 5.59 3.14 -41.68
N GLU A 122 5.21 3.82 -40.59
CA GLU A 122 4.52 3.22 -39.42
C GLU A 122 3.23 2.52 -39.90
N ALA A 123 2.44 3.18 -40.76
CA ALA A 123 1.21 2.62 -41.34
C ALA A 123 1.49 1.26 -41.95
N GLU A 124 2.57 1.13 -42.71
CA GLU A 124 2.85 -0.11 -43.49
C GLU A 124 3.34 -1.22 -42.55
N LYS A 125 4.10 -0.88 -41.49
CA LYS A 125 4.53 -1.83 -40.43
C LYS A 125 3.27 -2.46 -39.81
N LEU A 126 2.40 -1.61 -39.26
CA LEU A 126 1.14 -2.00 -38.55
C LEU A 126 0.31 -2.92 -39.44
N LEU A 127 0.03 -2.50 -40.68
CA LEU A 127 -0.81 -3.26 -41.63
C LEU A 127 -0.16 -4.62 -41.91
N THR A 128 1.17 -4.64 -42.00
CA THR A 128 1.94 -5.86 -42.36
C THR A 128 1.82 -6.85 -41.21
N GLU A 129 2.07 -6.35 -39.99
CA GLU A 129 2.20 -7.15 -38.74
C GLU A 129 0.83 -7.45 -38.14
N LYS A 130 -0.05 -6.44 -38.03
CA LYS A 130 -1.34 -6.53 -37.30
C LYS A 130 -2.51 -6.72 -38.28
N GLY A 131 -2.33 -6.37 -39.57
CA GLY A 131 -3.41 -6.39 -40.57
C GLY A 131 -3.75 -7.79 -41.05
N LYS A 132 -4.95 -7.99 -41.57
CA LYS A 132 -5.38 -9.22 -42.30
C LYS A 132 -6.13 -8.77 -43.57
N HIS A 133 -6.78 -9.68 -44.30
CA HIS A 133 -7.56 -9.31 -45.50
C HIS A 133 -8.68 -8.32 -45.15
N GLY A 134 -8.66 -7.13 -45.75
CA GLY A 134 -9.74 -6.13 -45.61
C GLY A 134 -9.48 -5.15 -44.48
N SER A 135 -8.33 -5.22 -43.83
CA SER A 135 -7.88 -4.26 -42.79
C SER A 135 -7.55 -2.92 -43.45
N PHE A 136 -8.12 -1.82 -42.96
CA PHE A 136 -7.87 -0.47 -43.54
C PHE A 136 -7.68 0.54 -42.42
N LEU A 137 -7.04 1.65 -42.79
CA LEU A 137 -6.79 2.83 -41.92
C LEU A 137 -6.80 4.07 -42.80
N VAL A 138 -7.06 5.23 -42.22
CA VAL A 138 -6.93 6.55 -42.88
C VAL A 138 -6.00 7.37 -42.00
N ARG A 139 -5.08 8.11 -42.60
CA ARG A 139 -4.06 8.94 -41.90
C ARG A 139 -3.92 10.26 -42.66
N GLU A 140 -3.51 11.32 -41.97
CA GLU A 140 -3.05 12.58 -42.61
C GLU A 140 -1.87 12.27 -43.55
N SER A 141 -1.82 12.91 -44.73
CA SER A 141 -0.68 12.87 -45.70
C SER A 141 0.42 13.82 -45.22
N GLN A 142 1.67 13.36 -45.13
CA GLN A 142 2.83 14.23 -44.84
C GLN A 142 3.09 15.06 -46.11
N SER A 143 3.17 14.41 -47.27
CA SER A 143 3.39 15.04 -48.60
C SER A 143 2.45 16.24 -48.80
N HIS A 144 1.13 15.97 -48.83
CA HIS A 144 0.09 16.92 -49.28
C HIS A 144 -0.71 17.40 -48.07
N PRO A 145 -0.27 18.47 -47.36
CA PRO A 145 -0.97 18.96 -46.17
C PRO A 145 -2.47 19.21 -46.40
N GLY A 146 -3.32 18.59 -45.56
CA GLY A 146 -4.79 18.69 -45.62
C GLY A 146 -5.40 17.48 -46.30
N ASP A 147 -4.61 16.76 -47.09
CA ASP A 147 -5.02 15.49 -47.75
C ASP A 147 -4.88 14.33 -46.76
N PHE A 148 -5.35 13.15 -47.16
CA PHE A 148 -5.30 11.90 -46.36
C PHE A 148 -4.88 10.72 -47.25
N VAL A 149 -4.45 9.64 -46.61
CA VAL A 149 -4.19 8.36 -47.32
C VAL A 149 -5.10 7.27 -46.71
N LEU A 150 -5.89 6.61 -47.57
CA LEU A 150 -6.57 5.33 -47.30
C LEU A 150 -5.61 4.20 -47.69
N SER A 151 -5.28 3.33 -46.73
CA SER A 151 -4.42 2.15 -46.94
C SER A 151 -5.19 0.89 -46.53
N VAL A 152 -5.23 -0.09 -47.42
CA VAL A 152 -6.08 -1.30 -47.31
C VAL A 152 -5.19 -2.50 -47.61
N ARG A 153 -5.30 -3.56 -46.82
CA ARG A 153 -4.57 -4.84 -47.02
C ARG A 153 -5.53 -5.84 -47.68
N THR A 154 -5.04 -6.60 -48.67
CA THR A 154 -5.84 -7.60 -49.43
C THR A 154 -5.01 -8.88 -49.57
N GLY A 155 -5.66 -10.04 -49.54
CA GLY A 155 -5.00 -11.37 -49.56
C GLY A 155 -5.84 -12.45 -48.90
N SER A 161 3.24 -13.06 -45.37
CA SER A 161 4.26 -12.08 -44.93
C SER A 161 5.58 -12.30 -45.71
N ASN A 162 5.82 -13.54 -46.14
CA ASN A 162 6.93 -13.93 -47.04
C ASN A 162 6.43 -14.00 -48.49
N ASP A 163 5.35 -14.73 -48.76
CA ASP A 163 5.01 -15.33 -50.07
C ASP A 163 4.43 -14.32 -51.08
N GLY A 164 4.25 -13.05 -50.70
CA GLY A 164 3.59 -12.04 -51.55
C GLY A 164 2.18 -12.42 -51.97
N LYS A 165 1.46 -13.20 -51.15
CA LYS A 165 0.03 -13.57 -51.40
C LYS A 165 -0.87 -12.44 -50.87
N SER A 166 -0.30 -11.44 -50.19
CA SER A 166 -1.04 -10.25 -49.68
C SER A 166 -0.23 -8.98 -49.97
N LYS A 167 -0.93 -7.84 -50.01
CA LYS A 167 -0.33 -6.52 -50.34
C LYS A 167 -1.09 -5.40 -49.65
N VAL A 168 -0.49 -4.21 -49.67
CA VAL A 168 -1.08 -2.95 -49.15
C VAL A 168 -1.21 -2.00 -50.35
N THR A 169 -2.44 -1.61 -50.68
CA THR A 169 -2.78 -0.55 -51.66
C THR A 169 -3.02 0.77 -50.91
N HIS A 170 -2.41 1.86 -51.38
CA HIS A 170 -2.55 3.25 -50.83
C HIS A 170 -3.39 4.10 -51.78
N VAL A 171 -4.45 4.75 -51.27
CA VAL A 171 -5.37 5.61 -52.08
C VAL A 171 -5.31 7.02 -51.50
N MET A 172 -4.83 7.97 -52.29
CA MET A 172 -4.79 9.41 -51.92
C MET A 172 -6.23 9.89 -51.82
N ILE A 173 -6.54 10.62 -50.75
CA ILE A 173 -7.86 11.30 -50.59
C ILE A 173 -7.59 12.79 -50.63
N ARG A 174 -8.14 13.46 -51.64
CA ARG A 174 -7.98 14.91 -51.88
C ARG A 174 -8.98 15.65 -51.00
N CYS A 175 -8.53 16.66 -50.24
CA CYS A 175 -9.42 17.71 -49.67
C CYS A 175 -9.38 18.93 -50.60
N GLN A 176 -10.50 19.21 -51.27
CA GLN A 176 -10.69 20.37 -52.18
C GLN A 176 -11.96 21.11 -51.73
N GLU A 177 -11.84 22.39 -51.36
CA GLU A 177 -12.93 23.29 -50.88
C GLU A 177 -13.84 22.56 -49.89
N LEU A 178 -13.26 21.95 -48.85
CA LEU A 178 -13.94 21.29 -47.70
C LEU A 178 -14.58 19.95 -48.12
N LYS A 179 -14.35 19.45 -49.33
CA LYS A 179 -14.91 18.15 -49.77
C LYS A 179 -13.77 17.17 -50.05
N TYR A 180 -14.06 15.87 -49.89
CA TYR A 180 -13.09 14.76 -49.93
C TYR A 180 -13.42 13.84 -51.11
N ASP A 181 -12.40 13.38 -51.84
CA ASP A 181 -12.56 12.49 -53.02
C ASP A 181 -11.29 11.67 -53.25
N VAL A 182 -11.41 10.56 -53.98
CA VAL A 182 -10.27 9.65 -54.27
C VAL A 182 -9.77 9.89 -55.70
N GLY A 183 -9.97 11.10 -56.25
CA GLY A 183 -9.44 11.51 -57.57
C GLY A 183 -10.48 11.48 -58.69
N GLY A 184 -11.73 11.13 -58.36
CA GLY A 184 -12.82 10.89 -59.33
C GLY A 184 -14.02 10.30 -58.63
N GLY A 185 -15.22 10.53 -59.17
CA GLY A 185 -16.49 10.08 -58.59
C GLY A 185 -17.07 11.18 -57.72
N GLU A 186 -17.73 10.79 -56.62
CA GLU A 186 -18.40 11.73 -55.68
C GLU A 186 -17.38 12.51 -54.87
N ARG A 187 -17.77 13.70 -54.43
CA ARG A 187 -17.05 14.53 -53.43
C ARG A 187 -17.88 14.55 -52.15
N PHE A 188 -17.32 14.09 -51.01
CA PHE A 188 -18.02 13.89 -49.71
C PHE A 188 -17.70 15.05 -48.76
N ASP A 189 -18.64 15.30 -47.83
CA ASP A 189 -18.57 16.34 -46.78
C ASP A 189 -17.67 15.91 -45.62
N SER A 190 -17.28 14.64 -45.53
CA SER A 190 -16.48 14.09 -44.40
C SER A 190 -15.77 12.80 -44.82
N LEU A 191 -14.67 12.45 -44.15
CA LEU A 191 -13.99 11.15 -44.39
C LEU A 191 -14.97 10.02 -44.10
N THR A 192 -15.83 10.19 -43.10
CA THR A 192 -16.77 9.14 -42.67
C THR A 192 -17.68 8.80 -43.84
N ASP A 193 -18.26 9.81 -44.48
CA ASP A 193 -19.13 9.64 -45.68
C ASP A 193 -18.29 8.89 -46.73
N LEU A 194 -17.10 9.41 -47.07
CA LEU A 194 -16.19 8.78 -48.08
C LEU A 194 -15.97 7.30 -47.72
N VAL A 195 -15.63 7.01 -46.47
CA VAL A 195 -15.31 5.62 -46.02
C VAL A 195 -16.58 4.76 -46.08
N GLU A 196 -17.73 5.28 -45.65
CA GLU A 196 -18.99 4.48 -45.68
C GLU A 196 -19.38 4.14 -47.13
N HIS A 197 -19.34 5.11 -48.05
CA HIS A 197 -19.59 4.90 -49.50
C HIS A 197 -18.73 3.73 -50.04
N TYR A 198 -17.40 3.77 -49.86
CA TYR A 198 -16.48 2.79 -50.51
C TYR A 198 -16.46 1.46 -49.74
N LYS A 199 -17.03 1.43 -48.53
CA LYS A 199 -17.25 0.17 -47.77
C LYS A 199 -18.43 -0.54 -48.43
N LYS A 200 -19.44 0.22 -48.82
CA LYS A 200 -20.67 -0.29 -49.48
C LYS A 200 -20.37 -0.55 -50.95
N ASN A 201 -19.65 0.36 -51.62
CA ASN A 201 -19.35 0.32 -53.10
C ASN A 201 -17.84 0.31 -53.28
N PRO A 202 -17.19 -0.87 -53.12
CA PRO A 202 -15.74 -0.94 -53.02
C PRO A 202 -15.10 -0.50 -54.34
N MET A 203 -14.04 0.30 -54.26
CA MET A 203 -13.12 0.55 -55.42
C MET A 203 -12.63 -0.82 -55.92
N VAL A 204 -12.57 -0.99 -57.25
CA VAL A 204 -11.96 -2.18 -57.93
C VAL A 204 -10.76 -1.69 -58.74
N GLU A 205 -9.69 -2.48 -58.78
CA GLU A 205 -8.44 -2.10 -59.50
C GLU A 205 -8.54 -2.53 -60.96
N THR A 206 -7.82 -1.85 -61.85
CA THR A 206 -7.71 -2.16 -63.30
C THR A 206 -7.85 -3.68 -63.51
N LEU A 207 -7.08 -4.49 -62.78
CA LEU A 207 -6.90 -5.93 -63.05
C LEU A 207 -7.73 -6.84 -62.13
N GLY A 208 -8.69 -6.29 -61.39
CA GLY A 208 -9.75 -7.08 -60.72
C GLY A 208 -9.76 -6.99 -59.21
N THR A 209 -8.64 -6.67 -58.55
CA THR A 209 -8.54 -6.69 -57.06
C THR A 209 -9.59 -5.74 -56.49
N VAL A 210 -10.45 -6.24 -55.59
CA VAL A 210 -11.48 -5.44 -54.86
C VAL A 210 -10.84 -4.93 -53.57
N LEU A 211 -10.82 -3.62 -53.38
CA LEU A 211 -10.30 -2.95 -52.17
C LEU A 211 -11.40 -2.97 -51.10
N GLN A 212 -11.75 -4.17 -50.60
CA GLN A 212 -12.71 -4.36 -49.48
C GLN A 212 -12.19 -3.66 -48.23
N LEU A 213 -12.94 -2.67 -47.74
CA LEU A 213 -12.78 -2.06 -46.41
C LEU A 213 -13.58 -2.91 -45.42
N LYS A 214 -13.01 -4.01 -44.95
CA LYS A 214 -13.76 -5.06 -44.22
C LYS A 214 -13.75 -4.77 -42.72
N GLN A 215 -12.64 -4.29 -42.15
CA GLN A 215 -12.61 -3.84 -40.74
C GLN A 215 -11.46 -2.85 -40.56
N PRO A 216 -11.55 -1.92 -39.59
CA PRO A 216 -10.42 -1.05 -39.27
C PRO A 216 -9.22 -1.90 -38.82
N LEU A 217 -8.00 -1.48 -39.12
CA LEU A 217 -6.80 -2.19 -38.60
C LEU A 217 -6.86 -2.15 -37.06
N ASN A 218 -6.65 -3.29 -36.41
CA ASN A 218 -6.56 -3.36 -34.93
C ASN A 218 -5.17 -2.88 -34.47
N THR A 219 -5.12 -1.75 -33.76
CA THR A 219 -3.88 -1.18 -33.16
C THR A 219 -3.98 -1.17 -31.63
N THR A 220 -5.07 -1.72 -31.06
CA THR A 220 -5.34 -1.65 -29.59
C THR A 220 -4.90 -2.98 -28.94
N ARG A 221 -4.92 -4.08 -29.67
CA ARG A 221 -4.45 -5.39 -29.15
C ARG A 221 -2.94 -5.26 -28.93
N ILE A 222 -2.45 -5.62 -27.75
CA ILE A 222 -1.01 -5.54 -27.44
C ILE A 222 -0.65 -6.88 -26.83
N ASN A 223 0.63 -7.24 -26.92
CA ASN A 223 1.21 -8.28 -26.06
C ASN A 223 1.28 -7.70 -24.63
N ALA A 224 0.90 -8.47 -23.59
CA ALA A 224 0.78 -8.04 -22.18
C ALA A 224 2.07 -7.40 -21.66
N ALA A 225 3.23 -7.97 -21.99
CA ALA A 225 4.57 -7.46 -21.65
C ALA A 225 4.76 -5.99 -22.08
N GLU A 226 4.09 -5.56 -23.16
CA GLU A 226 4.25 -4.18 -23.73
C GLU A 226 3.32 -3.19 -23.01
N ILE A 227 2.52 -3.62 -22.03
CA ILE A 227 1.51 -2.73 -21.35
C ILE A 227 2.19 -1.43 -20.90
N GLU A 228 3.33 -1.51 -20.21
CA GLU A 228 4.01 -0.30 -19.65
C GLU A 228 4.29 0.67 -20.80
N SER A 229 4.83 0.13 -21.90
CA SER A 229 5.15 0.83 -23.18
C SER A 229 3.90 1.50 -23.75
N ARG A 230 2.81 0.74 -23.94
CA ARG A 230 1.52 1.28 -24.46
C ARG A 230 1.01 2.39 -23.52
N VAL A 231 1.09 2.20 -22.20
CA VAL A 231 0.63 3.21 -21.20
C VAL A 231 1.46 4.49 -21.33
N ARG A 232 2.77 4.36 -21.52
CA ARG A 232 3.67 5.54 -21.64
C ARG A 232 3.25 6.31 -22.90
N GLU A 233 3.07 5.60 -24.03
CA GLU A 233 2.58 6.17 -25.32
C GLU A 233 1.25 6.91 -25.06
N LEU A 234 0.28 6.24 -24.44
CA LEU A 234 -1.09 6.79 -24.21
C LEU A 234 -1.03 8.01 -23.30
N SER A 235 0.05 8.16 -22.52
CA SER A 235 0.16 9.20 -21.46
C SER A 235 0.75 10.52 -22.01
N LYS A 236 1.17 10.58 -23.28
CA LYS A 236 1.75 11.83 -23.84
C LYS A 236 0.81 12.42 -24.88
N GLN A 246 -3.23 13.64 -26.33
CA GLN A 246 -3.02 12.54 -25.34
C GLN A 246 -3.76 11.29 -25.81
N GLY A 247 -3.01 10.22 -26.08
CA GLY A 247 -3.48 8.95 -26.65
C GLY A 247 -4.61 8.30 -25.85
N PHE A 248 -4.63 8.50 -24.53
CA PHE A 248 -5.67 7.90 -23.64
C PHE A 248 -7.03 8.45 -24.03
N TRP A 249 -7.13 9.76 -24.26
CA TRP A 249 -8.41 10.46 -24.56
C TRP A 249 -8.95 10.02 -25.92
N GLU A 250 -8.06 9.90 -26.93
CA GLU A 250 -8.32 9.47 -28.32
C GLU A 250 -8.90 8.05 -28.33
N GLU A 251 -8.21 7.13 -27.64
CA GLU A 251 -8.59 5.70 -27.61
C GLU A 251 -9.94 5.53 -26.92
N PHE A 252 -10.17 6.24 -25.81
CA PHE A 252 -11.43 6.16 -25.05
C PHE A 252 -12.59 6.70 -25.89
N GLU A 253 -12.46 7.92 -26.42
CA GLU A 253 -13.58 8.55 -27.17
C GLU A 253 -13.90 7.72 -28.43
N THR A 254 -12.92 7.01 -29.00
CA THR A 254 -13.14 6.06 -30.11
C THR A 254 -14.03 4.91 -29.62
N LEU A 255 -13.71 4.34 -28.48
CA LEU A 255 -14.58 3.32 -27.84
C LEU A 255 -15.98 3.89 -27.61
N GLN A 256 -16.05 5.09 -27.05
CA GLN A 256 -17.36 5.71 -26.73
C GLN A 256 -18.19 5.80 -28.01
N GLN A 257 -17.57 6.13 -29.15
CA GLN A 257 -18.30 6.34 -30.43
C GLN A 257 -18.95 5.03 -30.87
N GLN A 258 -18.43 3.89 -30.43
CA GLN A 258 -18.94 2.55 -30.83
C GLN A 258 -20.14 2.16 -29.97
N GLU A 259 -20.52 2.96 -28.96
CA GLU A 259 -21.64 2.59 -28.05
C GLU A 259 -22.97 2.60 -28.82
N CYS A 260 -23.07 3.32 -29.95
CA CYS A 260 -24.33 3.44 -30.74
C CYS A 260 -24.68 2.09 -31.36
N LYS A 261 -23.73 1.17 -31.42
CA LYS A 261 -24.00 -0.21 -31.89
C LYS A 261 -24.67 -1.09 -30.81
N LEU A 262 -24.82 -0.59 -29.58
CA LEU A 262 -25.22 -1.42 -28.41
C LEU A 262 -26.55 -0.96 -27.84
N LEU A 263 -27.44 -0.44 -28.69
CA LEU A 263 -28.78 0.06 -28.28
C LEU A 263 -29.78 -1.10 -28.36
N TYR A 264 -29.51 -2.17 -27.60
CA TYR A 264 -30.37 -3.38 -27.51
C TYR A 264 -31.61 -3.05 -26.68
N SER A 265 -32.68 -3.84 -26.86
CA SER A 265 -33.98 -3.61 -26.16
C SER A 265 -33.81 -3.87 -24.66
N ARG A 266 -34.50 -3.06 -23.87
CA ARG A 266 -34.65 -3.20 -22.41
C ARG A 266 -36.16 -3.10 -22.13
N LYS A 267 -36.97 -3.87 -22.84
CA LYS A 267 -38.45 -3.77 -22.74
C LYS A 267 -38.91 -4.25 -21.36
N GLU A 268 -38.35 -5.35 -20.86
CA GLU A 268 -38.84 -6.00 -19.63
C GLU A 268 -38.70 -4.99 -18.49
N GLY A 269 -37.53 -4.37 -18.36
CA GLY A 269 -37.27 -3.35 -17.33
C GLY A 269 -38.21 -2.17 -17.46
N GLN A 270 -38.88 -1.97 -18.59
CA GLN A 270 -39.81 -0.81 -18.76
C GLN A 270 -41.27 -1.22 -18.49
N ARG A 271 -41.57 -2.48 -18.18
CA ARG A 271 -42.98 -2.86 -17.84
C ARG A 271 -43.38 -2.14 -16.55
N GLN A 272 -44.63 -1.67 -16.46
CA GLN A 272 -45.19 -0.93 -15.30
C GLN A 272 -44.80 -1.63 -13.99
N GLU A 273 -44.98 -2.95 -13.92
CA GLU A 273 -44.80 -3.69 -12.66
C GLU A 273 -43.29 -3.87 -12.35
N ASN A 274 -42.40 -3.46 -13.26
CA ASN A 274 -40.92 -3.61 -13.06
C ASN A 274 -40.28 -2.25 -12.77
N LYS A 275 -40.99 -1.14 -13.01
CA LYS A 275 -40.43 0.23 -12.84
C LYS A 275 -39.83 0.39 -11.44
N ASN A 276 -40.56 0.01 -10.38
CA ASN A 276 -40.14 0.24 -8.98
C ASN A 276 -38.94 -0.67 -8.59
N LYS A 277 -38.57 -1.65 -9.42
CA LYS A 277 -37.46 -2.61 -9.15
C LYS A 277 -36.11 -2.09 -9.69
N ASN A 278 -36.11 -0.91 -10.32
CA ASN A 278 -34.93 -0.26 -10.91
C ASN A 278 -34.53 0.91 -10.00
N ARG A 279 -33.27 1.02 -9.59
CA ARG A 279 -32.76 2.11 -8.71
C ARG A 279 -32.78 3.40 -9.52
N TYR A 280 -32.50 3.30 -10.80
CA TYR A 280 -32.53 4.38 -11.81
C TYR A 280 -33.41 3.88 -12.95
N LYS A 281 -34.52 4.59 -13.10
CA LYS A 281 -35.63 4.39 -14.07
C LYS A 281 -35.11 4.02 -15.47
N ASN A 282 -34.09 4.72 -15.99
CA ASN A 282 -33.61 4.55 -17.39
C ASN A 282 -32.32 3.72 -17.49
N ILE A 283 -31.80 3.18 -16.39
CA ILE A 283 -30.64 2.25 -16.42
C ILE A 283 -31.17 0.85 -16.22
N LEU A 284 -31.31 0.13 -17.33
CA LEU A 284 -32.09 -1.10 -17.45
C LEU A 284 -31.21 -2.19 -18.04
N PRO A 285 -31.49 -3.45 -17.66
CA PRO A 285 -30.80 -4.59 -18.25
C PRO A 285 -31.27 -4.88 -19.67
N PHE A 286 -30.35 -5.25 -20.58
CA PHE A 286 -30.73 -5.73 -21.92
C PHE A 286 -31.60 -6.97 -21.73
N ASP A 287 -32.68 -7.11 -22.51
CA ASP A 287 -33.59 -8.29 -22.51
C ASP A 287 -32.76 -9.57 -22.81
N HIS A 288 -31.85 -9.53 -23.76
CA HIS A 288 -31.18 -10.77 -24.26
C HIS A 288 -30.16 -11.30 -23.25
N THR A 289 -29.74 -10.52 -22.24
CA THR A 289 -28.75 -10.97 -21.23
C THR A 289 -29.25 -10.81 -19.80
N ARG A 290 -30.48 -10.30 -19.59
CA ARG A 290 -31.05 -10.15 -18.24
C ARG A 290 -31.11 -11.49 -17.52
N VAL A 291 -30.98 -11.45 -16.20
CA VAL A 291 -31.24 -12.63 -15.36
C VAL A 291 -32.77 -12.75 -15.22
N VAL A 292 -33.30 -13.87 -15.68
CA VAL A 292 -34.75 -14.20 -15.53
C VAL A 292 -34.91 -15.10 -14.30
N LEU A 293 -35.77 -14.70 -13.36
CA LEU A 293 -36.06 -15.44 -12.11
C LEU A 293 -37.21 -16.41 -12.35
N HIS A 294 -36.98 -17.71 -12.19
CA HIS A 294 -37.96 -18.80 -12.36
C HIS A 294 -38.56 -19.18 -10.99
N ASP A 295 -39.50 -20.15 -10.97
CA ASP A 295 -40.27 -20.53 -9.75
C ASP A 295 -41.12 -19.35 -9.31
N SER A 303 -42.88 -11.28 -11.62
CA SER A 303 -42.09 -12.07 -10.63
C SER A 303 -40.78 -12.60 -11.24
N ASP A 304 -40.52 -12.38 -12.54
CA ASP A 304 -39.33 -12.91 -13.25
C ASP A 304 -38.16 -11.91 -13.34
N TYR A 305 -38.32 -10.68 -12.83
CA TYR A 305 -37.47 -9.54 -13.21
C TYR A 305 -36.49 -9.18 -12.10
N ILE A 306 -35.25 -8.92 -12.50
CA ILE A 306 -34.29 -8.19 -11.62
C ILE A 306 -33.39 -7.36 -12.55
N ASN A 307 -32.89 -6.24 -12.06
CA ASN A 307 -31.97 -5.34 -12.82
C ASN A 307 -30.57 -5.93 -12.67
N ALA A 308 -30.27 -6.91 -13.52
CA ALA A 308 -29.07 -7.78 -13.46
C ALA A 308 -28.86 -8.43 -14.82
N ASN A 309 -27.61 -8.55 -15.23
CA ASN A 309 -27.25 -9.15 -16.55
C ASN A 309 -26.14 -10.17 -16.31
N ILE A 310 -26.23 -11.31 -16.97
CA ILE A 310 -25.12 -12.28 -17.12
C ILE A 310 -24.04 -11.58 -17.92
N ILE A 311 -22.76 -11.66 -17.49
CA ILE A 311 -21.58 -11.20 -18.25
C ILE A 311 -20.68 -12.41 -18.48
N MET A 312 -20.59 -12.87 -19.72
CA MET A 312 -19.61 -13.91 -20.13
C MET A 312 -18.44 -13.24 -20.84
N PRO A 313 -17.18 -13.55 -20.42
CA PRO A 313 -15.99 -13.03 -21.09
C PRO A 313 -15.85 -13.56 -22.53
N LYS A 325 -13.00 -20.38 -17.42
CA LYS A 325 -13.61 -19.06 -17.71
C LYS A 325 -14.73 -18.76 -16.70
N LYS A 326 -14.42 -17.93 -15.69
CA LYS A 326 -15.36 -17.30 -14.71
C LYS A 326 -16.44 -16.51 -15.48
N SER A 327 -17.71 -16.63 -15.12
CA SER A 327 -18.72 -15.66 -15.60
C SER A 327 -19.25 -14.83 -14.41
N TYR A 328 -20.00 -13.76 -14.69
CA TYR A 328 -20.39 -12.71 -13.73
C TYR A 328 -21.88 -12.40 -13.82
N ILE A 329 -22.44 -11.84 -12.76
CA ILE A 329 -23.75 -11.12 -12.84
C ILE A 329 -23.50 -9.67 -12.45
N ALA A 330 -23.68 -8.75 -13.39
CA ALA A 330 -23.62 -7.30 -13.13
C ALA A 330 -25.01 -6.83 -12.69
N THR A 331 -25.13 -6.24 -11.51
CA THR A 331 -26.45 -5.83 -10.94
C THR A 331 -26.27 -4.55 -10.14
N GLN A 332 -27.39 -3.91 -9.82
CA GLN A 332 -27.50 -2.70 -8.98
C GLN A 332 -27.47 -3.06 -7.47
N GLY A 333 -27.20 -2.07 -6.63
CA GLY A 333 -27.48 -2.11 -5.18
C GLY A 333 -28.96 -2.38 -4.97
N CYS A 334 -29.28 -3.42 -4.19
CA CYS A 334 -30.65 -3.74 -3.72
C CYS A 334 -31.41 -2.50 -3.26
N LEU A 335 -32.68 -2.43 -3.62
CA LEU A 335 -33.69 -1.53 -3.01
C LEU A 335 -34.41 -2.35 -1.93
N GLN A 336 -35.18 -1.69 -1.07
CA GLN A 336 -35.92 -2.39 0.00
C GLN A 336 -36.75 -3.50 -0.63
N ASN A 337 -37.42 -3.21 -1.76
CA ASN A 337 -38.37 -4.13 -2.45
C ASN A 337 -37.67 -5.10 -3.44
N THR A 338 -36.33 -5.23 -3.47
CA THR A 338 -35.68 -6.22 -4.39
C THR A 338 -34.66 -7.11 -3.64
N VAL A 339 -34.50 -6.94 -2.33
CA VAL A 339 -33.66 -7.84 -1.48
C VAL A 339 -34.12 -9.29 -1.72
N ASN A 340 -35.42 -9.57 -1.67
CA ASN A 340 -35.93 -10.96 -1.85
C ASN A 340 -35.52 -11.50 -3.22
N ASP A 341 -35.69 -10.67 -4.27
CA ASP A 341 -35.37 -11.01 -5.68
C ASP A 341 -33.86 -11.28 -5.80
N PHE A 342 -33.04 -10.44 -5.17
CA PHE A 342 -31.56 -10.58 -5.17
C PHE A 342 -31.21 -11.98 -4.67
N TRP A 343 -31.78 -12.41 -3.55
CA TRP A 343 -31.48 -13.75 -2.99
C TRP A 343 -32.05 -14.89 -3.86
N ARG A 344 -33.23 -14.74 -4.44
CA ARG A 344 -33.74 -15.69 -5.47
C ARG A 344 -32.71 -15.82 -6.61
N MET A 345 -32.07 -14.72 -7.00
CA MET A 345 -31.12 -14.71 -8.14
C MET A 345 -29.86 -15.49 -7.74
N VAL A 346 -29.34 -15.22 -6.55
CA VAL A 346 -28.05 -15.81 -6.06
C VAL A 346 -28.27 -17.33 -5.94
N PHE A 347 -29.38 -17.72 -5.34
CA PHE A 347 -29.75 -19.14 -5.14
C PHE A 347 -29.87 -19.84 -6.51
N GLN A 348 -30.70 -19.27 -7.38
CA GLN A 348 -31.04 -19.83 -8.70
C GLN A 348 -29.77 -20.04 -9.51
N GLU A 349 -28.84 -19.08 -9.48
CA GLU A 349 -27.69 -19.05 -10.41
C GLU A 349 -26.53 -19.82 -9.79
N ASN A 350 -26.72 -20.31 -8.57
CA ASN A 350 -25.68 -21.09 -7.85
C ASN A 350 -24.45 -20.21 -7.60
N SER A 351 -24.63 -18.89 -7.45
CA SER A 351 -23.55 -17.92 -7.09
C SER A 351 -23.02 -18.20 -5.68
N ARG A 352 -21.69 -18.28 -5.54
CA ARG A 352 -21.01 -18.56 -4.25
C ARG A 352 -20.19 -17.36 -3.82
N VAL A 353 -20.11 -16.31 -4.63
CA VAL A 353 -19.32 -15.08 -4.34
C VAL A 353 -20.06 -13.83 -4.78
N ILE A 354 -20.19 -12.88 -3.85
CA ILE A 354 -20.78 -11.54 -4.13
C ILE A 354 -19.66 -10.53 -3.91
N VAL A 355 -19.49 -9.64 -4.88
CA VAL A 355 -18.56 -8.49 -4.82
C VAL A 355 -19.37 -7.21 -4.74
N MET A 356 -19.26 -6.49 -3.61
CA MET A 356 -19.95 -5.20 -3.37
C MET A 356 -18.89 -4.11 -3.41
N THR A 357 -19.05 -3.08 -4.25
CA THR A 357 -17.97 -2.09 -4.53
C THR A 357 -18.49 -0.69 -4.18
N THR A 358 -19.38 -0.63 -3.21
CA THR A 358 -19.95 0.61 -2.63
C THR A 358 -20.13 0.38 -1.12
N LYS A 359 -20.05 1.43 -0.32
CA LYS A 359 -20.63 1.48 1.04
C LYS A 359 -22.16 1.44 0.90
N GLU A 360 -22.90 1.13 1.96
CA GLU A 360 -24.38 1.27 1.94
C GLU A 360 -24.73 2.74 1.71
N VAL A 361 -23.96 3.63 2.35
CA VAL A 361 -24.17 5.10 2.32
C VAL A 361 -22.88 5.74 1.85
N GLU A 362 -22.94 6.59 0.83
CA GLU A 362 -21.81 7.45 0.40
C GLU A 362 -22.33 8.88 0.24
N ARG A 363 -21.58 9.86 0.72
CA ARG A 363 -21.90 11.31 0.67
C ARG A 363 -23.36 11.50 1.11
N GLY A 364 -23.74 10.80 2.18
CA GLY A 364 -25.08 10.81 2.81
C GLY A 364 -26.21 10.28 1.92
N LYS A 365 -25.90 9.59 0.82
CA LYS A 365 -26.96 9.05 -0.09
C LYS A 365 -26.97 7.51 -0.04
N SER A 366 -28.15 6.91 -0.07
CA SER A 366 -28.32 5.43 -0.02
C SER A 366 -27.91 4.85 -1.37
N LYS A 367 -26.94 3.95 -1.38
CA LYS A 367 -26.40 3.32 -2.62
C LYS A 367 -26.86 1.86 -2.72
N CYS A 368 -27.21 1.24 -1.60
CA CYS A 368 -27.49 -0.20 -1.48
C CYS A 368 -28.04 -0.46 -0.08
N VAL A 369 -29.20 -1.09 -0.04
CA VAL A 369 -29.88 -1.52 1.21
C VAL A 369 -29.08 -2.69 1.79
N LYS A 370 -29.03 -2.78 3.11
CA LYS A 370 -28.35 -3.89 3.81
C LYS A 370 -29.15 -5.16 3.54
N TYR A 371 -28.61 -6.10 2.75
CA TYR A 371 -29.34 -7.32 2.28
C TYR A 371 -28.80 -8.57 2.95
N TRP A 372 -27.86 -8.38 3.87
CA TRP A 372 -27.20 -9.43 4.68
C TRP A 372 -27.57 -9.22 6.16
N PRO A 373 -27.70 -10.31 6.93
CA PRO A 373 -27.91 -10.19 8.37
C PRO A 373 -26.64 -9.67 9.07
N ASP A 374 -26.81 -9.06 10.24
CA ASP A 374 -25.72 -8.74 11.20
C ASP A 374 -24.98 -10.03 11.52
N GLU A 375 -23.73 -9.93 11.96
CA GLU A 375 -22.88 -11.12 12.21
C GLU A 375 -23.57 -12.05 13.22
N TYR A 376 -23.61 -13.35 12.92
CA TYR A 376 -24.18 -14.44 13.75
C TYR A 376 -25.72 -14.48 13.63
N ALA A 377 -26.36 -13.47 13.04
CA ALA A 377 -27.83 -13.36 12.94
C ALA A 377 -28.36 -14.20 11.75
N LEU A 378 -29.62 -14.62 11.82
CA LEU A 378 -30.29 -15.37 10.74
C LEU A 378 -31.49 -14.54 10.30
N LYS A 379 -31.66 -14.34 9.00
CA LYS A 379 -32.83 -13.62 8.46
C LYS A 379 -33.47 -14.45 7.37
N GLU A 380 -34.78 -14.29 7.21
CA GLU A 380 -35.54 -14.83 6.06
C GLU A 380 -35.82 -13.64 5.15
N TYR A 381 -35.52 -13.79 3.87
CA TYR A 381 -35.82 -12.82 2.79
C TYR A 381 -36.73 -13.55 1.80
N GLY A 382 -38.04 -13.43 2.01
CA GLY A 382 -39.05 -14.25 1.33
C GLY A 382 -38.85 -15.73 1.64
N VAL A 383 -38.61 -16.53 0.61
CA VAL A 383 -38.43 -18.01 0.73
C VAL A 383 -36.94 -18.35 0.97
N MET A 384 -36.08 -17.34 1.03
CA MET A 384 -34.62 -17.54 1.16
C MET A 384 -34.20 -17.17 2.58
N ARG A 385 -33.43 -18.05 3.19
CA ARG A 385 -32.94 -17.90 4.58
C ARG A 385 -31.42 -17.68 4.50
N VAL A 386 -30.92 -16.69 5.22
CA VAL A 386 -29.47 -16.39 5.23
C VAL A 386 -28.99 -16.25 6.66
N ARG A 387 -27.94 -17.02 6.98
CA ARG A 387 -27.12 -16.82 8.19
C ARG A 387 -25.82 -16.10 7.84
N ASN A 388 -25.51 -15.05 8.59
CA ASN A 388 -24.16 -14.44 8.66
C ASN A 388 -23.32 -15.26 9.65
N VAL A 389 -22.50 -16.17 9.14
CA VAL A 389 -21.72 -17.12 9.97
C VAL A 389 -20.58 -16.39 10.67
N LYS A 390 -19.91 -15.50 9.98
CA LYS A 390 -18.70 -14.79 10.50
C LYS A 390 -18.26 -13.69 9.54
N GLU A 391 -17.79 -12.57 10.07
CA GLU A 391 -17.12 -11.49 9.30
C GLU A 391 -15.63 -11.41 9.67
N SER A 392 -14.79 -11.20 8.66
CA SER A 392 -13.35 -10.89 8.80
C SER A 392 -13.07 -9.57 8.08
N ALA A 393 -12.38 -8.64 8.73
CA ALA A 393 -12.12 -7.28 8.23
C ALA A 393 -10.65 -7.18 7.81
N ALA A 394 -10.43 -6.67 6.60
CA ALA A 394 -9.12 -6.27 6.06
C ALA A 394 -9.18 -4.78 5.84
N HIS A 395 -8.09 -4.15 5.40
CA HIS A 395 -8.05 -2.67 5.26
C HIS A 395 -9.08 -2.23 4.23
N ASP A 396 -9.03 -2.79 3.03
CA ASP A 396 -9.84 -2.37 1.87
C ASP A 396 -11.19 -3.11 1.85
N TYR A 397 -11.40 -4.14 2.68
CA TYR A 397 -12.66 -4.91 2.55
C TYR A 397 -13.01 -5.73 3.80
N THR A 398 -14.29 -6.07 3.84
CA THR A 398 -14.89 -7.00 4.82
C THR A 398 -15.36 -8.24 4.07
N LEU A 399 -15.12 -9.40 4.64
CA LEU A 399 -15.62 -10.67 4.07
C LEU A 399 -16.74 -11.13 5.01
N ARG A 400 -17.91 -11.45 4.46
CA ARG A 400 -18.99 -12.05 5.25
C ARG A 400 -19.22 -13.46 4.71
N GLU A 401 -19.01 -14.47 5.55
CA GLU A 401 -19.34 -15.88 5.25
C GLU A 401 -20.82 -16.07 5.54
N LEU A 402 -21.62 -16.22 4.50
CA LEU A 402 -23.10 -16.32 4.57
C LEU A 402 -23.54 -17.74 4.21
N LYS A 403 -24.50 -18.31 4.91
CA LYS A 403 -25.13 -19.61 4.52
C LYS A 403 -26.53 -19.27 3.99
N LEU A 404 -26.78 -19.64 2.73
CA LEU A 404 -28.04 -19.37 2.01
C LEU A 404 -28.73 -20.71 1.78
N SER A 405 -30.00 -20.80 2.15
CA SER A 405 -30.87 -21.98 1.88
C SER A 405 -32.31 -21.50 1.55
N LYS A 406 -33.09 -22.40 0.98
CA LYS A 406 -34.54 -22.19 0.75
C LYS A 406 -35.26 -22.61 2.04
N VAL A 407 -36.16 -21.76 2.54
CA VAL A 407 -36.98 -22.18 3.72
C VAL A 407 -37.72 -23.47 3.32
N GLY A 408 -37.89 -24.39 4.26
CA GLY A 408 -38.57 -25.67 4.00
C GLY A 408 -37.59 -26.79 3.68
N GLN A 409 -36.41 -26.47 3.14
CA GLN A 409 -35.48 -27.48 2.56
C GLN A 409 -34.05 -27.24 3.06
N GLY A 410 -33.66 -27.94 4.14
CA GLY A 410 -32.34 -27.81 4.79
C GLY A 410 -31.21 -28.32 3.91
N ASN A 411 -31.53 -29.14 2.91
CA ASN A 411 -30.54 -29.78 2.00
C ASN A 411 -30.07 -28.81 0.89
N THR A 412 -30.65 -27.60 0.79
CA THR A 412 -30.36 -26.63 -0.30
C THR A 412 -29.28 -25.66 0.16
N GLU A 413 -28.68 -25.89 1.32
CA GLU A 413 -27.77 -24.88 1.92
C GLU A 413 -26.49 -24.82 1.08
N ARG A 414 -25.92 -23.64 0.91
CA ARG A 414 -24.55 -23.47 0.37
C ARG A 414 -23.97 -22.19 0.98
N THR A 415 -22.64 -22.15 1.13
CA THR A 415 -21.92 -20.93 1.58
C THR A 415 -21.83 -19.95 0.40
N VAL A 416 -22.19 -18.69 0.68
CA VAL A 416 -22.01 -17.57 -0.27
C VAL A 416 -21.08 -16.59 0.43
N TRP A 417 -19.98 -16.24 -0.23
CA TRP A 417 -18.91 -15.38 0.38
C TRP A 417 -19.10 -13.95 -0.12
N GLN A 418 -19.34 -13.00 0.78
CA GLN A 418 -19.60 -11.59 0.36
C GLN A 418 -18.33 -10.77 0.59
N TYR A 419 -17.67 -10.34 -0.48
CA TYR A 419 -16.48 -9.47 -0.44
C TYR A 419 -16.96 -8.04 -0.61
N HIS A 420 -16.94 -7.28 0.48
CA HIS A 420 -17.46 -5.88 0.49
C HIS A 420 -16.28 -4.91 0.49
N PHE A 421 -15.91 -4.45 -0.70
CA PHE A 421 -14.87 -3.42 -0.90
C PHE A 421 -15.37 -2.09 -0.32
N ARG A 422 -14.59 -1.47 0.54
CA ARG A 422 -15.07 -0.34 1.38
C ARG A 422 -14.20 0.92 1.17
N THR A 423 -13.09 0.86 0.42
CA THR A 423 -12.13 2.00 0.31
C THR A 423 -12.18 2.67 -1.06
N TRP A 424 -13.19 2.39 -1.89
CA TRP A 424 -13.34 3.11 -3.18
C TRP A 424 -13.66 4.56 -2.87
N PRO A 425 -12.93 5.53 -3.47
CA PRO A 425 -13.15 6.95 -3.16
C PRO A 425 -14.51 7.47 -3.63
N ASP A 426 -15.00 8.51 -2.97
CA ASP A 426 -16.31 9.15 -3.28
C ASP A 426 -16.21 9.83 -4.65
N HIS A 427 -15.08 10.48 -4.94
CA HIS A 427 -14.75 11.13 -6.23
C HIS A 427 -13.64 10.34 -6.96
N GLY A 428 -13.89 9.93 -8.20
CA GLY A 428 -12.85 9.41 -9.12
C GLY A 428 -12.56 7.94 -8.89
N VAL A 429 -11.29 7.56 -9.03
CA VAL A 429 -10.80 6.16 -8.91
C VAL A 429 -9.64 6.15 -7.92
N PRO A 430 -9.22 4.97 -7.38
CA PRO A 430 -8.07 4.91 -6.49
C PRO A 430 -6.81 5.40 -7.21
N SER A 431 -5.93 6.11 -6.48
CA SER A 431 -4.61 6.55 -6.98
C SER A 431 -3.73 5.32 -7.23
N ASP A 432 -3.90 4.27 -6.44
CA ASP A 432 -3.11 3.04 -6.65
C ASP A 432 -4.05 1.85 -6.83
N PRO A 433 -3.75 0.96 -7.80
CA PRO A 433 -4.55 -0.25 -8.05
C PRO A 433 -4.30 -1.47 -7.15
N GLY A 434 -3.32 -1.37 -6.23
CA GLY A 434 -2.82 -2.48 -5.41
C GLY A 434 -3.93 -3.14 -4.59
N GLY A 435 -4.70 -2.33 -3.86
CA GLY A 435 -5.86 -2.76 -3.04
C GLY A 435 -6.89 -3.47 -3.89
N VAL A 436 -7.29 -2.91 -5.04
CA VAL A 436 -8.28 -3.57 -5.96
C VAL A 436 -7.68 -4.91 -6.46
N LEU A 437 -6.41 -4.94 -6.89
CA LEU A 437 -5.78 -6.19 -7.43
C LEU A 437 -5.69 -7.27 -6.33
N ASP A 438 -5.27 -6.89 -5.14
CA ASP A 438 -5.16 -7.82 -3.98
C ASP A 438 -6.55 -8.38 -3.68
N PHE A 439 -7.57 -7.52 -3.61
CA PHE A 439 -8.99 -7.90 -3.46
C PHE A 439 -9.36 -8.94 -4.52
N LEU A 440 -9.16 -8.62 -5.80
CA LEU A 440 -9.64 -9.47 -6.93
C LEU A 440 -8.92 -10.81 -6.91
N GLU A 441 -7.64 -10.79 -6.53
CA GLU A 441 -6.82 -12.03 -6.43
C GLU A 441 -7.48 -12.96 -5.39
N GLU A 442 -7.93 -12.39 -4.27
CA GLU A 442 -8.59 -13.14 -3.17
C GLU A 442 -9.93 -13.69 -3.66
N VAL A 443 -10.72 -12.83 -4.30
CA VAL A 443 -12.03 -13.25 -4.90
C VAL A 443 -11.78 -14.40 -5.86
N HIS A 444 -10.76 -14.28 -6.70
CA HIS A 444 -10.49 -15.28 -7.77
C HIS A 444 -10.19 -16.63 -7.08
N HIS A 445 -9.35 -16.61 -6.06
CA HIS A 445 -8.96 -17.86 -5.35
C HIS A 445 -10.17 -18.47 -4.65
N LYS A 446 -10.96 -17.66 -3.98
CA LYS A 446 -12.20 -18.15 -3.34
C LYS A 446 -13.05 -18.89 -4.39
N GLN A 447 -13.35 -18.24 -5.51
CA GLN A 447 -14.20 -18.80 -6.59
C GLN A 447 -13.58 -20.08 -7.12
N GLU A 448 -12.28 -20.06 -7.38
CA GLU A 448 -11.59 -21.25 -7.95
C GLU A 448 -11.65 -22.42 -6.95
N SER A 449 -11.71 -22.13 -5.65
CA SER A 449 -11.73 -23.18 -4.58
C SER A 449 -13.09 -23.88 -4.49
N ILE A 450 -14.12 -23.41 -5.19
CA ILE A 450 -15.50 -23.98 -5.04
C ILE A 450 -15.91 -24.67 -6.35
N MET A 451 -15.98 -25.99 -6.31
CA MET A 451 -16.41 -26.86 -7.45
C MET A 451 -17.82 -26.46 -7.91
N ASP A 452 -18.02 -26.25 -9.21
CA ASP A 452 -19.33 -25.95 -9.84
C ASP A 452 -19.92 -24.61 -9.35
N ALA A 453 -19.12 -23.70 -8.80
CA ALA A 453 -19.58 -22.34 -8.41
C ALA A 453 -20.20 -21.66 -9.64
N GLY A 454 -21.32 -20.96 -9.43
CA GLY A 454 -21.98 -20.24 -10.51
C GLY A 454 -21.34 -18.86 -10.72
N PRO A 455 -21.94 -17.99 -11.54
CA PRO A 455 -21.34 -16.68 -11.82
C PRO A 455 -21.08 -15.87 -10.55
N VAL A 456 -20.05 -15.03 -10.59
CA VAL A 456 -19.72 -14.12 -9.47
C VAL A 456 -20.65 -12.90 -9.56
N VAL A 457 -21.38 -12.62 -8.50
CA VAL A 457 -22.27 -11.43 -8.42
C VAL A 457 -21.42 -10.18 -8.10
N VAL A 458 -21.48 -9.16 -8.96
CA VAL A 458 -20.84 -7.84 -8.73
C VAL A 458 -21.87 -6.71 -8.78
N HIS A 459 -21.81 -5.75 -7.86
CA HIS A 459 -22.76 -4.60 -7.76
C HIS A 459 -22.12 -3.39 -7.10
N CYS A 460 -22.54 -2.20 -7.50
CA CYS A 460 -22.19 -0.93 -6.82
C CYS A 460 -23.54 -0.23 -6.57
N SER A 461 -23.77 0.93 -7.19
CA SER A 461 -25.07 1.67 -7.16
C SER A 461 -25.91 1.23 -8.37
N ALA A 462 -25.63 1.80 -9.53
CA ALA A 462 -26.34 1.52 -10.80
C ALA A 462 -25.85 0.18 -11.37
N GLY A 463 -24.67 -0.25 -10.97
CA GLY A 463 -24.10 -1.56 -11.37
C GLY A 463 -23.53 -1.52 -12.78
N ILE A 464 -23.03 -0.36 -13.23
CA ILE A 464 -22.43 -0.16 -14.60
C ILE A 464 -20.99 0.42 -14.52
N GLY A 465 -20.71 1.42 -13.67
CA GLY A 465 -19.39 2.08 -13.60
C GLY A 465 -18.34 1.30 -12.80
N ARG A 466 -18.42 1.31 -11.48
CA ARG A 466 -17.52 0.55 -10.58
C ARG A 466 -17.61 -0.94 -10.93
N THR A 467 -18.82 -1.45 -11.05
CA THR A 467 -19.11 -2.87 -11.40
C THR A 467 -18.39 -3.22 -12.70
N GLY A 468 -18.54 -2.40 -13.72
CA GLY A 468 -17.90 -2.64 -15.02
C GLY A 468 -16.39 -2.62 -14.85
N THR A 469 -15.89 -1.65 -14.13
CA THR A 469 -14.43 -1.47 -13.92
C THR A 469 -13.84 -2.74 -13.27
N PHE A 470 -14.41 -3.22 -12.15
CA PHE A 470 -13.98 -4.45 -11.45
C PHE A 470 -14.03 -5.64 -12.41
N ILE A 471 -15.14 -5.83 -13.14
CA ILE A 471 -15.33 -7.02 -14.02
C ILE A 471 -14.32 -7.01 -15.18
N VAL A 472 -14.04 -5.85 -15.79
CA VAL A 472 -13.06 -5.77 -16.90
C VAL A 472 -11.65 -6.04 -16.37
N ILE A 473 -11.27 -5.49 -15.20
CA ILE A 473 -9.94 -5.78 -14.61
C ILE A 473 -9.83 -7.31 -14.40
N ASP A 474 -10.87 -7.91 -13.81
CA ASP A 474 -10.88 -9.35 -13.48
C ASP A 474 -10.68 -10.22 -14.72
N ILE A 475 -11.43 -9.93 -15.79
CA ILE A 475 -11.35 -10.66 -17.10
C ILE A 475 -9.94 -10.53 -17.68
N LEU A 476 -9.37 -9.32 -17.71
CA LEU A 476 -8.04 -9.07 -18.32
C LEU A 476 -6.93 -9.78 -17.53
N ILE A 477 -6.94 -9.65 -16.20
CA ILE A 477 -5.98 -10.36 -15.30
C ILE A 477 -6.17 -11.86 -15.48
N ASP A 478 -7.41 -12.33 -15.65
CA ASP A 478 -7.70 -13.78 -15.76
C ASP A 478 -6.93 -14.34 -16.95
N ILE A 479 -6.93 -13.62 -18.06
CA ILE A 479 -6.25 -14.00 -19.33
C ILE A 479 -4.76 -14.19 -19.03
N ILE A 480 -4.14 -13.17 -18.46
CA ILE A 480 -2.70 -13.13 -18.09
C ILE A 480 -2.38 -14.25 -17.09
N ARG A 481 -3.27 -14.53 -16.13
CA ARG A 481 -3.07 -15.60 -15.11
C ARG A 481 -2.98 -16.97 -15.81
N GLU A 482 -3.91 -17.27 -16.71
CA GLU A 482 -3.94 -18.54 -17.49
C GLU A 482 -2.81 -18.50 -18.53
N LYS A 483 -2.92 -17.62 -19.53
CA LYS A 483 -2.14 -17.66 -20.80
C LYS A 483 -0.81 -16.91 -20.67
N GLY A 484 -0.45 -16.40 -19.47
CA GLY A 484 0.90 -15.90 -19.17
C GLY A 484 1.22 -14.56 -19.82
N VAL A 485 2.34 -13.94 -19.43
CA VAL A 485 2.83 -12.62 -19.90
C VAL A 485 2.94 -12.58 -21.44
N ASP A 486 3.10 -13.71 -22.12
CA ASP A 486 3.00 -13.75 -23.61
C ASP A 486 1.57 -14.15 -23.95
N CYS A 487 0.67 -13.16 -23.85
CA CYS A 487 -0.72 -13.23 -24.33
C CYS A 487 -1.07 -11.85 -24.90
N ASP A 488 -2.04 -11.83 -25.80
CA ASP A 488 -2.64 -10.59 -26.33
C ASP A 488 -3.74 -10.16 -25.36
N ILE A 489 -3.80 -8.87 -25.02
CA ILE A 489 -4.99 -8.26 -24.38
C ILE A 489 -5.41 -7.06 -25.22
N ASP A 490 -6.70 -6.76 -25.21
CA ASP A 490 -7.29 -5.65 -26.00
C ASP A 490 -8.33 -4.99 -25.11
N VAL A 491 -7.94 -3.93 -24.41
CA VAL A 491 -8.78 -3.30 -23.36
C VAL A 491 -10.11 -2.89 -24.00
N PRO A 492 -10.13 -2.02 -25.04
CA PRO A 492 -11.40 -1.58 -25.60
C PRO A 492 -12.20 -2.75 -26.22
N LYS A 493 -11.56 -3.74 -26.82
CA LYS A 493 -12.34 -4.89 -27.35
C LYS A 493 -13.11 -5.52 -26.19
N THR A 494 -12.44 -5.72 -25.04
CA THR A 494 -12.99 -6.43 -23.86
C THR A 494 -14.13 -5.60 -23.25
N ILE A 495 -13.99 -4.26 -23.21
CA ILE A 495 -15.01 -3.33 -22.69
C ILE A 495 -16.24 -3.34 -23.60
N GLN A 496 -16.03 -3.32 -24.93
CA GLN A 496 -17.12 -3.35 -25.95
C GLN A 496 -17.92 -4.65 -25.83
N MET A 497 -17.22 -5.73 -25.57
CA MET A 497 -17.80 -7.09 -25.37
C MET A 497 -18.64 -7.10 -24.08
N VAL A 498 -18.18 -6.45 -23.02
CA VAL A 498 -18.94 -6.39 -21.73
C VAL A 498 -20.12 -5.41 -21.86
N ARG A 499 -19.95 -4.28 -22.57
CA ARG A 499 -21.02 -3.27 -22.86
C ARG A 499 -22.11 -3.83 -23.78
N SER A 500 -21.84 -4.93 -24.49
CA SER A 500 -22.86 -5.62 -25.29
C SER A 500 -23.79 -6.41 -24.34
N GLN A 501 -23.45 -6.55 -23.07
CA GLN A 501 -24.20 -7.46 -22.17
C GLN A 501 -24.88 -6.67 -21.05
N ARG A 502 -24.40 -5.45 -20.75
CA ARG A 502 -25.06 -4.52 -19.80
C ARG A 502 -24.68 -3.10 -20.21
N SER A 503 -25.67 -2.20 -20.33
CA SER A 503 -25.48 -0.81 -20.83
C SER A 503 -24.36 -0.09 -20.06
N GLY A 504 -23.42 0.55 -20.74
CA GLY A 504 -22.51 1.54 -20.13
C GLY A 504 -21.53 0.93 -19.13
N MET A 505 -21.22 -0.37 -19.24
CA MET A 505 -20.17 -1.00 -18.40
C MET A 505 -18.85 -0.27 -18.63
N VAL A 506 -18.32 0.34 -17.55
CA VAL A 506 -17.16 1.29 -17.50
C VAL A 506 -17.64 2.67 -17.94
N GLN A 507 -17.78 3.60 -17.01
CA GLN A 507 -18.51 4.87 -17.17
C GLN A 507 -17.58 6.02 -17.62
N THR A 508 -16.33 6.08 -17.15
CA THR A 508 -15.50 7.29 -17.33
C THR A 508 -14.13 6.96 -17.91
N GLU A 509 -13.49 7.99 -18.44
CA GLU A 509 -12.09 7.90 -18.92
C GLU A 509 -11.18 7.57 -17.73
N ALA A 510 -11.51 8.09 -16.53
CA ALA A 510 -10.71 7.85 -15.29
C ALA A 510 -10.73 6.36 -14.95
N GLN A 511 -11.89 5.71 -15.02
CA GLN A 511 -12.01 4.23 -14.86
C GLN A 511 -11.20 3.53 -15.98
N TYR A 512 -11.32 3.97 -17.23
CA TYR A 512 -10.62 3.41 -18.41
C TYR A 512 -9.10 3.42 -18.16
N ARG A 513 -8.54 4.57 -17.74
CA ARG A 513 -7.12 4.73 -17.32
C ARG A 513 -6.80 3.76 -16.17
N PHE A 514 -7.66 3.71 -15.15
CA PHE A 514 -7.40 2.88 -13.95
C PHE A 514 -7.30 1.40 -14.36
N ILE A 515 -8.07 0.96 -15.36
CA ILE A 515 -8.04 -0.46 -15.86
C ILE A 515 -6.64 -0.74 -16.42
N TYR A 516 -6.14 0.16 -17.27
CA TYR A 516 -4.79 0.06 -17.84
C TYR A 516 -3.74 0.02 -16.72
N MET A 517 -3.87 0.90 -15.73
CA MET A 517 -2.96 0.98 -14.56
C MET A 517 -3.02 -0.35 -13.79
N ALA A 518 -4.22 -0.87 -13.52
CA ALA A 518 -4.39 -2.13 -12.77
C ALA A 518 -3.69 -3.27 -13.53
N VAL A 519 -3.88 -3.38 -14.86
CA VAL A 519 -3.33 -4.50 -15.67
C VAL A 519 -1.79 -4.37 -15.68
N GLN A 520 -1.27 -3.14 -15.78
CA GLN A 520 0.18 -2.83 -15.75
C GLN A 520 0.80 -3.28 -14.41
N HIS A 521 0.24 -2.84 -13.27
CA HIS A 521 0.64 -3.24 -11.89
CA HIS A 521 0.70 -3.23 -11.92
C HIS A 521 0.61 -4.76 -11.74
N TYR A 522 -0.45 -5.43 -12.21
CA TYR A 522 -0.54 -6.91 -12.07
C TYR A 522 0.64 -7.53 -12.86
N ILE A 523 0.89 -7.06 -14.08
CA ILE A 523 2.01 -7.60 -14.93
C ILE A 523 3.37 -7.37 -14.23
N GLU A 524 3.59 -6.18 -13.65
CA GLU A 524 4.85 -5.76 -12.98
C GLU A 524 5.16 -6.61 -11.73
N THR A 525 4.19 -7.32 -11.15
CA THR A 525 4.41 -8.19 -9.95
C THR A 525 4.07 -9.64 -10.30
N LEU A 526 4.89 -10.24 -11.16
CA LEU A 526 4.81 -11.67 -11.57
C LEU A 526 6.24 -12.19 -11.81
N THR B 3 16.28 -0.57 36.78
CA THR B 3 17.24 -1.25 37.68
C THR B 3 17.64 -2.61 37.09
N SER B 4 16.69 -3.56 37.03
CA SER B 4 16.92 -5.00 36.76
C SER B 4 16.10 -5.49 35.56
N ARG B 5 16.66 -6.42 34.79
CA ARG B 5 15.94 -7.25 33.78
C ARG B 5 16.27 -8.73 34.00
N ARG B 6 16.27 -9.21 35.25
CA ARG B 6 16.82 -10.54 35.61
C ARG B 6 15.82 -11.66 35.30
N TRP B 7 14.57 -11.30 35.00
CA TRP B 7 13.48 -12.22 34.58
C TRP B 7 13.74 -12.79 33.17
N PHE B 8 14.72 -12.25 32.44
CA PHE B 8 15.06 -12.80 31.11
C PHE B 8 16.22 -13.78 31.26
N HIS B 9 16.03 -15.02 30.77
CA HIS B 9 17.02 -16.13 30.85
C HIS B 9 17.50 -16.49 29.45
N PRO B 10 18.71 -16.06 29.02
CA PRO B 10 19.08 -16.21 27.63
C PRO B 10 19.22 -17.67 27.16
N ASN B 11 19.54 -18.62 28.07
CA ASN B 11 20.10 -19.94 27.71
C ASN B 11 19.17 -21.11 28.09
N ILE B 12 18.06 -20.86 28.77
CA ILE B 12 17.16 -21.97 29.21
C ILE B 12 16.41 -22.51 28.00
N THR B 13 16.17 -23.82 28.00
CA THR B 13 15.12 -24.53 27.22
C THR B 13 13.79 -24.37 27.93
N GLY B 14 12.69 -24.76 27.28
CA GLY B 14 11.31 -24.69 27.78
C GLY B 14 11.07 -25.67 28.92
N VAL B 15 11.75 -26.81 28.93
CA VAL B 15 11.64 -27.82 30.02
C VAL B 15 12.30 -27.23 31.29
N GLU B 16 13.55 -26.74 31.16
CA GLU B 16 14.32 -26.09 32.26
C GLU B 16 13.48 -24.96 32.89
N ALA B 17 12.76 -24.19 32.06
CA ALA B 17 11.90 -23.05 32.46
C ALA B 17 10.71 -23.56 33.28
N GLU B 18 10.14 -24.69 32.88
CA GLU B 18 8.97 -25.27 33.56
C GLU B 18 9.42 -25.83 34.92
N ASN B 19 10.52 -26.60 34.94
CA ASN B 19 11.20 -27.12 36.16
C ASN B 19 11.46 -25.98 37.16
N LEU B 20 12.03 -24.86 36.68
CA LEU B 20 12.36 -23.66 37.48
C LEU B 20 11.13 -23.12 38.22
N LEU B 21 10.06 -22.81 37.48
CA LEU B 21 8.83 -22.19 37.99
C LEU B 21 8.09 -23.18 38.92
N LEU B 22 8.19 -24.48 38.68
CA LEU B 22 7.48 -25.52 39.48
C LEU B 22 8.20 -25.71 40.82
N THR B 23 9.54 -25.73 40.80
CA THR B 23 10.40 -26.08 41.96
C THR B 23 10.77 -24.81 42.75
N ARG B 24 11.21 -23.73 42.08
CA ARG B 24 11.69 -22.49 42.76
C ARG B 24 10.66 -21.36 42.64
N GLY B 25 9.65 -21.48 41.78
CA GLY B 25 8.63 -20.44 41.61
C GLY B 25 7.46 -20.63 42.57
N VAL B 26 6.50 -19.72 42.52
CA VAL B 26 5.18 -19.77 43.20
C VAL B 26 4.15 -19.21 42.22
N ASP B 27 2.86 -19.17 42.57
CA ASP B 27 1.82 -18.60 41.69
C ASP B 27 2.08 -17.09 41.55
N GLY B 28 2.23 -16.60 40.31
CA GLY B 28 2.62 -15.21 39.99
C GLY B 28 4.06 -15.11 39.51
N SER B 29 4.85 -16.18 39.67
CA SER B 29 6.25 -16.27 39.19
C SER B 29 6.26 -16.34 37.67
N PHE B 30 7.18 -15.61 37.05
CA PHE B 30 7.31 -15.54 35.57
C PHE B 30 8.78 -15.37 35.16
N LEU B 31 9.10 -15.84 33.95
CA LEU B 31 10.36 -15.53 33.27
C LEU B 31 10.09 -15.41 31.78
N ALA B 32 11.05 -14.80 31.08
CA ALA B 32 11.03 -14.67 29.61
C ALA B 32 12.30 -15.31 29.09
N ARG B 33 12.24 -15.85 27.88
CA ARG B 33 13.35 -16.61 27.27
C ARG B 33 13.20 -16.55 25.76
N PRO B 34 14.28 -16.87 25.01
CA PRO B 34 14.18 -17.04 23.56
C PRO B 34 13.43 -18.32 23.23
N SER B 35 12.75 -18.37 22.09
CA SER B 35 12.11 -19.60 21.55
C SER B 35 13.19 -20.59 21.07
N LYS B 36 13.19 -21.81 21.60
CA LYS B 36 14.09 -22.92 21.17
C LYS B 36 13.68 -23.39 19.77
N SER B 37 12.39 -23.67 19.59
CA SER B 37 11.79 -24.27 18.36
C SER B 37 11.71 -23.26 17.21
N ASN B 38 11.57 -21.95 17.52
CA ASN B 38 11.32 -20.88 16.52
C ASN B 38 12.30 -19.73 16.75
N PRO B 39 13.63 -19.93 16.55
CA PRO B 39 14.60 -18.87 16.85
C PRO B 39 14.19 -17.53 16.21
N GLY B 40 14.25 -16.42 16.95
CA GLY B 40 13.78 -15.08 16.52
C GLY B 40 12.51 -14.66 17.25
N ASP B 41 11.78 -15.64 17.83
CA ASP B 41 10.63 -15.43 18.76
C ASP B 41 11.08 -15.52 20.22
N PHE B 42 10.18 -15.15 21.14
CA PHE B 42 10.38 -15.22 22.62
C PHE B 42 9.15 -15.87 23.27
N THR B 43 9.32 -16.31 24.51
CA THR B 43 8.27 -16.96 25.35
C THR B 43 8.25 -16.34 26.75
N LEU B 44 7.09 -15.88 27.18
CA LEU B 44 6.77 -15.51 28.58
C LEU B 44 6.25 -16.77 29.29
N SER B 45 7.04 -17.39 30.17
CA SER B 45 6.65 -18.58 30.98
C SER B 45 6.15 -18.14 32.37
N VAL B 46 4.90 -18.45 32.71
CA VAL B 46 4.17 -17.93 33.92
C VAL B 46 3.55 -19.10 34.69
N ARG B 47 3.67 -19.09 36.02
CA ARG B 47 2.99 -20.02 36.95
C ARG B 47 1.64 -19.43 37.36
N ARG B 48 0.55 -20.21 37.23
CA ARG B 48 -0.82 -19.83 37.69
C ARG B 48 -1.47 -21.09 38.26
N ASN B 49 -2.12 -20.95 39.43
CA ASN B 49 -2.86 -22.03 40.15
C ASN B 49 -2.13 -23.38 39.99
N GLY B 50 -0.80 -23.40 40.19
CA GLY B 50 0.02 -24.64 40.28
C GLY B 50 0.54 -25.13 38.94
N ALA B 51 0.27 -24.41 37.86
CA ALA B 51 0.57 -24.82 36.47
C ALA B 51 1.37 -23.73 35.74
N VAL B 52 2.19 -24.13 34.77
CA VAL B 52 3.04 -23.24 33.92
C VAL B 52 2.35 -23.07 32.55
N THR B 53 2.03 -21.82 32.19
CA THR B 53 1.62 -21.41 30.82
C THR B 53 2.82 -20.84 30.08
N HIS B 54 2.99 -21.22 28.80
CA HIS B 54 4.03 -20.67 27.90
C HIS B 54 3.32 -19.85 26.83
N ILE B 55 3.63 -18.55 26.75
CA ILE B 55 2.90 -17.54 25.92
C ILE B 55 3.88 -16.99 24.88
N LYS B 56 3.49 -17.00 23.60
CA LYS B 56 4.41 -16.65 22.49
C LYS B 56 4.47 -15.11 22.34
N ILE B 57 5.69 -14.62 22.16
CA ILE B 57 5.96 -13.21 21.75
C ILE B 57 6.64 -13.29 20.40
N GLN B 58 6.01 -12.69 19.39
CA GLN B 58 6.57 -12.60 18.02
C GLN B 58 7.15 -11.19 17.84
N ASN B 59 8.23 -11.11 17.08
CA ASN B 59 8.80 -9.82 16.63
C ASN B 59 9.43 -10.04 15.26
N THR B 60 8.72 -9.61 14.22
CA THR B 60 9.22 -9.65 12.80
C THR B 60 10.01 -8.37 12.50
N GLY B 61 10.02 -7.37 13.43
CA GLY B 61 10.81 -6.13 13.25
C GLY B 61 10.09 -4.85 13.65
N ASP B 62 8.80 -4.90 14.00
CA ASP B 62 7.99 -3.66 14.19
C ASP B 62 7.69 -3.42 15.67
N TYR B 63 7.54 -4.50 16.45
CA TYR B 63 7.12 -4.47 17.87
C TYR B 63 7.08 -5.90 18.42
N TYR B 64 7.07 -6.02 19.74
CA TYR B 64 6.91 -7.32 20.45
C TYR B 64 5.41 -7.56 20.60
N ASP B 65 4.96 -8.62 19.94
CA ASP B 65 3.52 -9.01 19.86
C ASP B 65 3.31 -10.19 20.83
N LEU B 66 2.63 -9.91 21.92
CA LEU B 66 2.34 -10.90 23.00
C LEU B 66 1.00 -11.54 22.65
N TYR B 67 1.02 -12.83 22.31
CA TYR B 67 -0.18 -13.58 21.85
C TYR B 67 -1.13 -13.60 23.03
N GLY B 68 -2.35 -13.15 22.81
CA GLY B 68 -3.39 -12.97 23.86
C GLY B 68 -3.19 -11.67 24.63
N GLY B 69 -2.07 -10.95 24.40
CA GLY B 69 -1.70 -9.71 25.12
C GLY B 69 -1.75 -8.50 24.21
N GLU B 70 -0.87 -7.52 24.44
CA GLU B 70 -0.79 -6.28 23.62
C GLU B 70 0.57 -6.23 22.92
N LYS B 71 0.85 -5.18 22.16
CA LYS B 71 2.13 -4.97 21.43
C LYS B 71 2.98 -3.95 22.21
N PHE B 72 4.29 -4.17 22.30
CA PHE B 72 5.19 -3.38 23.19
C PHE B 72 6.46 -3.01 22.42
N ALA B 73 7.09 -1.92 22.86
CA ALA B 73 8.36 -1.43 22.30
C ALA B 73 9.54 -2.29 22.78
N THR B 74 9.51 -2.78 24.02
CA THR B 74 10.59 -3.62 24.60
C THR B 74 9.98 -4.66 25.53
N LEU B 75 10.68 -5.75 25.78
CA LEU B 75 10.23 -6.72 26.81
C LEU B 75 10.13 -6.05 28.18
N ALA B 76 11.05 -5.13 28.52
CA ALA B 76 11.05 -4.37 29.80
C ALA B 76 9.75 -3.60 29.95
N GLU B 77 9.34 -2.85 28.92
CA GLU B 77 8.06 -2.08 28.93
C GLU B 77 6.88 -3.07 29.00
N LEU B 78 6.99 -4.22 28.34
CA LEU B 78 5.97 -5.30 28.43
C LEU B 78 5.79 -5.72 29.90
N VAL B 79 6.87 -6.16 30.54
CA VAL B 79 6.89 -6.70 31.94
C VAL B 79 6.45 -5.59 32.91
N GLN B 80 6.96 -4.37 32.76
CA GLN B 80 6.63 -3.20 33.62
C GLN B 80 5.13 -2.97 33.56
N TYR B 81 4.54 -3.07 32.38
CA TYR B 81 3.11 -2.75 32.14
C TYR B 81 2.23 -3.72 32.92
N TYR B 82 2.50 -5.01 32.81
CA TYR B 82 1.64 -6.05 33.42
C TYR B 82 1.86 -6.06 34.93
N MET B 83 3.12 -6.10 35.40
CA MET B 83 3.47 -6.05 36.84
C MET B 83 2.76 -4.88 37.50
N GLU B 84 2.69 -3.72 36.84
CA GLU B 84 2.02 -2.50 37.35
C GLU B 84 0.52 -2.56 37.05
N HIS B 85 0.01 -3.73 36.66
CA HIS B 85 -1.42 -4.14 36.63
C HIS B 85 -2.20 -3.47 35.51
N HIS B 86 -1.57 -2.65 34.65
CA HIS B 86 -2.25 -1.76 33.68
C HIS B 86 -3.01 -2.58 32.62
N GLN B 88 -4.68 -6.20 31.90
CA GLN B 88 -4.46 -7.50 32.60
C GLN B 88 -4.42 -8.60 31.52
N LEU B 89 -3.45 -9.52 31.59
CA LEU B 89 -3.25 -10.61 30.62
C LEU B 89 -4.31 -11.70 30.83
N LYS B 90 -4.63 -12.50 29.81
CA LYS B 90 -5.73 -13.49 29.87
C LYS B 90 -5.46 -14.66 28.91
N GLU B 91 -6.02 -15.82 29.22
CA GLU B 91 -5.96 -17.09 28.45
C GLU B 91 -7.10 -17.14 27.43
N LYS B 92 -7.14 -18.20 26.61
CA LYS B 92 -8.24 -18.52 25.67
C LYS B 92 -9.58 -18.45 26.42
N ASN B 93 -9.66 -19.14 27.57
CA ASN B 93 -10.89 -19.19 28.42
C ASN B 93 -10.96 -17.96 29.36
N GLY B 94 -10.23 -16.89 29.03
CA GLY B 94 -10.38 -15.54 29.62
C GLY B 94 -9.98 -15.48 31.08
N ASP B 95 -9.21 -16.46 31.58
CA ASP B 95 -8.76 -16.55 32.99
C ASP B 95 -7.53 -15.64 33.18
N VAL B 96 -7.59 -14.71 34.13
CA VAL B 96 -6.50 -13.70 34.38
C VAL B 96 -5.19 -14.45 34.66
N ILE B 97 -4.10 -14.03 34.00
CA ILE B 97 -2.71 -14.41 34.32
C ILE B 97 -2.05 -13.18 34.97
N GLU B 98 -1.30 -13.41 36.05
CA GLU B 98 -0.68 -12.36 36.90
C GLU B 98 0.83 -12.50 36.79
N LEU B 99 1.53 -11.46 36.34
CA LEU B 99 3.01 -11.36 36.47
C LEU B 99 3.26 -10.69 37.83
N LYS B 100 3.56 -11.49 38.86
CA LYS B 100 3.78 -11.00 40.25
C LYS B 100 5.28 -10.98 40.56
N TYR B 101 5.95 -12.12 40.36
CA TYR B 101 7.29 -12.38 40.94
C TYR B 101 8.28 -12.72 39.83
N PRO B 102 9.21 -11.81 39.45
CA PRO B 102 10.24 -12.14 38.48
C PRO B 102 11.05 -13.33 39.02
N LEU B 103 11.22 -14.36 38.23
CA LEU B 103 12.11 -15.47 38.60
C LEU B 103 13.46 -15.13 38.01
N ASN B 104 14.42 -14.78 38.89
CA ASN B 104 15.68 -14.11 38.50
C ASN B 104 16.68 -15.14 37.98
N CYS B 105 17.42 -14.77 36.94
CA CYS B 105 18.43 -15.61 36.24
C CYS B 105 19.81 -15.43 36.89
N ALA B 106 20.54 -16.50 37.14
CA ALA B 106 21.91 -16.47 37.69
C ALA B 106 22.92 -16.28 36.56
N ASP B 107 22.51 -16.60 35.34
CA ASP B 107 23.39 -16.69 34.14
C ASP B 107 23.98 -15.31 33.87
N PRO B 108 25.31 -15.16 33.86
CA PRO B 108 25.96 -13.87 33.56
C PRO B 108 26.16 -13.55 32.07
N THR B 109 25.61 -14.40 31.19
CA THR B 109 25.87 -14.39 29.73
C THR B 109 25.74 -12.98 29.12
N SER B 110 24.66 -12.28 29.47
CA SER B 110 24.24 -11.01 28.81
C SER B 110 24.75 -9.78 29.57
N GLU B 111 25.57 -9.95 30.61
CA GLU B 111 26.20 -8.82 31.34
C GLU B 111 27.30 -8.22 30.45
N ARG B 112 27.44 -6.90 30.45
CA ARG B 112 28.43 -6.15 29.62
C ARG B 112 29.86 -6.53 29.99
N TRP B 113 30.08 -6.93 31.24
CA TRP B 113 31.43 -7.19 31.81
C TRP B 113 31.82 -8.67 31.67
N PHE B 114 30.91 -9.55 31.25
CA PHE B 114 31.12 -11.01 31.16
C PHE B 114 31.63 -11.37 29.76
N HIS B 115 32.80 -12.01 29.66
CA HIS B 115 33.48 -12.40 28.39
C HIS B 115 33.68 -13.92 28.30
N GLY B 116 32.93 -14.69 29.08
CA GLY B 116 32.85 -16.16 28.96
C GLY B 116 34.23 -16.78 28.88
N HIS B 117 34.45 -17.63 27.86
CA HIS B 117 35.66 -18.48 27.70
C HIS B 117 36.78 -17.68 27.03
N LEU B 118 36.79 -16.35 27.20
CA LEU B 118 37.97 -15.49 26.91
C LEU B 118 39.17 -16.04 27.71
N SER B 119 40.39 -15.84 27.21
CA SER B 119 41.68 -16.23 27.85
C SER B 119 42.28 -15.04 28.57
N GLY B 120 43.04 -15.31 29.63
CA GLY B 120 43.86 -14.33 30.37
C GLY B 120 44.87 -13.69 29.45
N LYS B 121 45.20 -14.38 28.34
CA LYS B 121 46.03 -13.86 27.22
C LYS B 121 45.30 -12.63 26.63
N GLU B 122 44.16 -12.85 25.97
CA GLU B 122 43.37 -11.76 25.31
C GLU B 122 43.03 -10.69 26.37
N ALA B 123 42.64 -11.10 27.58
CA ALA B 123 42.07 -10.22 28.63
C ALA B 123 43.06 -9.15 29.03
N GLU B 124 44.35 -9.48 29.18
CA GLU B 124 45.41 -8.50 29.54
C GLU B 124 45.59 -7.51 28.36
N LYS B 125 45.55 -8.00 27.13
CA LYS B 125 45.72 -7.19 25.88
C LYS B 125 44.64 -6.11 25.81
N LEU B 126 43.38 -6.55 25.90
CA LEU B 126 42.17 -5.68 25.78
C LEU B 126 42.16 -4.63 26.88
N LEU B 127 42.46 -5.01 28.12
CA LEU B 127 42.49 -4.07 29.27
C LEU B 127 43.64 -3.07 29.12
N THR B 128 44.77 -3.49 28.56
CA THR B 128 45.94 -2.62 28.32
C THR B 128 45.60 -1.67 27.17
N GLU B 129 45.10 -2.22 26.05
CA GLU B 129 44.87 -1.46 24.78
C GLU B 129 43.63 -0.56 24.90
N LYS B 130 42.50 -1.08 25.39
CA LYS B 130 41.17 -0.38 25.32
C LYS B 130 40.74 0.16 26.70
N GLY B 131 41.43 -0.21 27.78
CA GLY B 131 40.99 0.10 29.16
C GLY B 131 41.31 1.50 29.63
N LYS B 132 40.72 1.90 30.75
CA LYS B 132 41.04 3.16 31.50
C LYS B 132 40.88 2.88 33.00
N HIS B 133 41.03 3.90 33.85
CA HIS B 133 40.82 3.76 35.31
C HIS B 133 39.42 3.17 35.57
N GLY B 134 39.38 2.01 36.24
CA GLY B 134 38.15 1.39 36.75
C GLY B 134 37.46 0.50 35.72
N SER B 135 38.11 0.21 34.58
CA SER B 135 37.61 -0.73 33.54
C SER B 135 37.80 -2.17 34.03
N PHE B 136 36.76 -3.01 33.98
CA PHE B 136 36.83 -4.37 34.55
C PHE B 136 36.11 -5.36 33.64
N LEU B 137 36.48 -6.63 33.82
CA LEU B 137 35.86 -7.76 33.11
C LEU B 137 35.89 -8.99 34.01
N VAL B 138 34.97 -9.90 33.77
CA VAL B 138 34.93 -11.25 34.38
C VAL B 138 35.00 -12.24 33.22
N ARG B 139 35.83 -13.28 33.36
CA ARG B 139 35.95 -14.42 32.40
C ARG B 139 36.05 -15.75 33.15
N GLU B 140 35.77 -16.84 32.44
CA GLU B 140 35.96 -18.23 32.93
C GLU B 140 37.46 -18.47 33.19
N SER B 141 37.77 -19.24 34.24
CA SER B 141 39.11 -19.76 34.59
C SER B 141 39.40 -21.01 33.73
N GLN B 142 40.49 -20.99 32.96
CA GLN B 142 40.97 -22.16 32.18
C GLN B 142 41.52 -23.21 33.16
N SER B 143 42.36 -22.78 34.11
CA SER B 143 43.13 -23.63 35.07
C SER B 143 42.26 -24.21 36.18
N HIS B 144 41.22 -23.49 36.64
CA HIS B 144 40.31 -23.93 37.74
C HIS B 144 38.89 -24.06 37.19
N PRO B 145 38.57 -25.13 36.43
CA PRO B 145 37.24 -25.31 35.84
C PRO B 145 36.06 -24.99 36.77
N GLY B 146 35.15 -24.11 36.33
CA GLY B 146 33.96 -23.71 37.07
C GLY B 146 34.17 -22.40 37.82
N ASP B 147 35.42 -22.02 38.09
CA ASP B 147 35.80 -20.77 38.80
C ASP B 147 35.91 -19.63 37.77
N PHE B 148 36.15 -18.40 38.21
CA PHE B 148 36.16 -17.22 37.32
C PHE B 148 37.28 -16.27 37.77
N VAL B 149 37.61 -15.31 36.90
CA VAL B 149 38.65 -14.27 37.15
C VAL B 149 38.04 -12.89 36.87
N LEU B 150 37.99 -12.05 37.90
CA LEU B 150 37.70 -10.60 37.76
C LEU B 150 39.03 -9.90 37.54
N SER B 151 39.17 -9.14 36.44
CA SER B 151 40.36 -8.31 36.14
C SER B 151 39.95 -6.83 36.12
N VAL B 152 40.71 -5.97 36.80
CA VAL B 152 40.41 -4.52 36.94
C VAL B 152 41.65 -3.74 36.57
N ARG B 153 41.47 -2.63 35.85
CA ARG B 153 42.52 -1.62 35.61
C ARG B 153 42.32 -0.48 36.62
N THR B 154 43.42 0.08 37.14
CA THR B 154 43.47 1.32 37.97
C THR B 154 44.69 2.16 37.57
N GLY B 155 44.62 3.49 37.73
CA GLY B 155 45.71 4.41 37.31
C GLY B 155 45.21 5.82 37.03
N ASP B 156 45.88 6.55 36.14
CA ASP B 156 45.72 8.02 35.91
C ASP B 156 45.30 8.34 34.47
N ASP B 157 44.88 7.33 33.70
CA ASP B 157 44.58 7.47 32.24
C ASP B 157 44.02 6.16 31.69
N ASN B 162 53.04 1.83 29.48
CA ASN B 162 53.95 3.00 29.36
C ASN B 162 54.76 3.18 30.66
N ASP B 163 54.31 4.02 31.58
CA ASP B 163 55.13 4.61 32.67
C ASP B 163 54.90 3.87 33.99
N GLY B 164 54.03 2.85 34.01
CA GLY B 164 53.68 2.10 35.23
C GLY B 164 52.86 2.94 36.21
N LYS B 165 52.18 3.99 35.73
CA LYS B 165 51.20 4.80 36.52
C LYS B 165 49.82 4.12 36.50
N SER B 166 49.64 3.05 35.72
CA SER B 166 48.43 2.18 35.68
C SER B 166 48.84 0.72 35.78
N LYS B 167 47.92 -0.12 36.23
CA LYS B 167 48.14 -1.57 36.38
C LYS B 167 46.83 -2.34 36.20
N VAL B 168 46.95 -3.60 35.81
CA VAL B 168 45.84 -4.59 35.93
C VAL B 168 46.00 -5.29 37.28
N THR B 169 44.89 -5.58 37.95
CA THR B 169 44.81 -6.42 39.17
C THR B 169 43.79 -7.52 38.87
N HIS B 170 44.19 -8.78 39.03
CA HIS B 170 43.29 -9.97 38.89
C HIS B 170 42.71 -10.31 40.28
N VAL B 171 41.62 -11.06 40.34
CA VAL B 171 40.99 -11.56 41.60
C VAL B 171 40.29 -12.87 41.25
N MET B 172 40.73 -13.98 41.83
CA MET B 172 40.07 -15.30 41.68
C MET B 172 38.67 -15.19 42.26
N ILE B 173 37.70 -15.74 41.53
CA ILE B 173 36.30 -15.88 42.02
C ILE B 173 36.09 -17.38 42.10
N ARG B 174 35.85 -17.87 43.30
CA ARG B 174 35.76 -19.32 43.59
C ARG B 174 34.29 -19.68 43.41
N CYS B 175 34.01 -20.80 42.76
CA CYS B 175 32.66 -21.41 42.74
C CYS B 175 32.69 -22.60 43.67
N GLN B 176 31.94 -22.51 44.78
CA GLN B 176 31.85 -23.57 45.82
C GLN B 176 30.37 -23.83 46.06
N GLU B 177 29.90 -25.03 45.74
CA GLU B 177 28.49 -25.47 45.98
C GLU B 177 27.52 -24.45 45.36
N LEU B 178 27.78 -24.03 44.13
CA LEU B 178 26.89 -23.13 43.35
C LEU B 178 26.79 -21.75 44.02
N LYS B 179 27.77 -21.31 44.81
CA LYS B 179 27.90 -19.89 45.21
C LYS B 179 29.29 -19.40 44.87
N TYR B 180 29.48 -18.07 44.84
CA TYR B 180 30.72 -17.42 44.35
C TYR B 180 31.27 -16.46 45.41
N ASP B 181 32.59 -16.47 45.62
CA ASP B 181 33.26 -15.61 46.63
C ASP B 181 34.64 -15.19 46.09
N VAL B 182 35.24 -14.15 46.67
CA VAL B 182 36.62 -13.71 46.30
C VAL B 182 37.63 -14.15 47.38
N GLY B 183 37.46 -15.35 47.95
CA GLY B 183 38.39 -15.97 48.91
C GLY B 183 38.04 -15.70 50.37
N GLY B 184 37.12 -14.76 50.63
CA GLY B 184 36.62 -14.39 51.96
C GLY B 184 35.37 -13.52 51.86
N GLY B 185 34.69 -13.26 52.98
CA GLY B 185 33.50 -12.38 53.01
C GLY B 185 32.26 -13.13 52.60
N GLU B 186 31.31 -12.46 51.93
CA GLU B 186 29.99 -13.04 51.58
C GLU B 186 30.15 -14.02 50.41
N ARG B 187 29.25 -14.99 50.36
CA ARG B 187 29.11 -15.97 49.24
C ARG B 187 27.86 -15.60 48.46
N PHE B 188 28.01 -15.35 47.16
CA PHE B 188 26.95 -14.80 46.27
C PHE B 188 26.30 -15.93 45.45
N ASP B 189 25.00 -15.74 45.15
CA ASP B 189 24.13 -16.66 44.35
C ASP B 189 24.48 -16.57 42.86
N SER B 190 25.12 -15.48 42.42
CA SER B 190 25.47 -15.22 40.99
C SER B 190 26.70 -14.30 40.91
N LEU B 191 27.44 -14.39 39.81
CA LEU B 191 28.53 -13.42 39.52
C LEU B 191 27.96 -11.99 39.54
N THR B 192 26.70 -11.81 39.15
CA THR B 192 26.04 -10.47 39.11
C THR B 192 25.95 -9.86 40.51
N ASP B 193 25.45 -10.62 41.49
CA ASP B 193 25.36 -10.19 42.90
C ASP B 193 26.75 -9.80 43.42
N LEU B 194 27.79 -10.59 43.11
CA LEU B 194 29.19 -10.36 43.57
C LEU B 194 29.71 -9.06 42.94
N VAL B 195 29.54 -8.91 41.62
CA VAL B 195 29.95 -7.67 40.90
C VAL B 195 29.18 -6.47 41.48
N GLU B 196 27.85 -6.59 41.64
CA GLU B 196 27.00 -5.52 42.25
C GLU B 196 27.58 -5.12 43.62
N HIS B 197 27.82 -6.10 44.50
CA HIS B 197 28.40 -5.89 45.85
C HIS B 197 29.73 -5.15 45.79
N TYR B 198 30.69 -5.63 44.99
CA TYR B 198 32.06 -5.06 44.97
C TYR B 198 32.07 -3.72 44.22
N LYS B 199 31.06 -3.45 43.38
CA LYS B 199 30.86 -2.10 42.76
C LYS B 199 30.61 -1.05 43.85
N LYS B 200 29.67 -1.35 44.75
CA LYS B 200 29.20 -0.43 45.81
C LYS B 200 30.20 -0.44 46.97
N ASN B 201 30.88 -1.57 47.19
CA ASN B 201 31.79 -1.83 48.35
C ASN B 201 33.15 -2.27 47.82
N PRO B 202 33.95 -1.36 47.24
CA PRO B 202 35.13 -1.77 46.47
C PRO B 202 36.17 -2.47 47.37
N MET B 203 36.66 -3.63 46.94
CA MET B 203 37.85 -4.30 47.53
C MET B 203 38.97 -3.27 47.64
N VAL B 204 39.68 -3.22 48.77
CA VAL B 204 40.85 -2.31 48.96
C VAL B 204 42.09 -3.19 49.14
N GLU B 205 43.16 -2.91 48.39
CA GLU B 205 44.46 -3.65 48.48
C GLU B 205 45.18 -3.28 49.78
N THR B 206 45.99 -4.20 50.30
CA THR B 206 46.77 -4.05 51.56
C THR B 206 47.31 -2.61 51.70
N LEU B 207 47.94 -2.08 50.64
CA LEU B 207 48.64 -0.78 50.68
C LEU B 207 47.74 0.33 50.12
N GLY B 208 46.45 0.03 49.93
CA GLY B 208 45.37 1.03 49.90
C GLY B 208 44.83 1.29 48.50
N THR B 209 45.26 0.56 47.48
CA THR B 209 44.68 0.68 46.12
C THR B 209 43.23 0.22 46.15
N VAL B 210 42.30 1.05 45.65
CA VAL B 210 40.86 0.71 45.54
C VAL B 210 40.64 0.03 44.17
N LEU B 211 40.14 -1.20 44.16
CA LEU B 211 39.76 -1.93 42.93
C LEU B 211 38.34 -1.50 42.55
N GLN B 212 38.23 -0.25 42.09
CA GLN B 212 36.96 0.40 41.68
C GLN B 212 36.47 -0.25 40.39
N LEU B 213 35.28 -0.85 40.44
CA LEU B 213 34.61 -1.39 39.24
C LEU B 213 33.74 -0.25 38.67
N LYS B 214 34.32 0.64 37.88
CA LYS B 214 33.67 1.91 37.46
C LYS B 214 32.86 1.70 36.17
N GLN B 215 33.39 0.98 35.18
CA GLN B 215 32.66 0.66 33.92
C GLN B 215 33.16 -0.66 33.33
N PRO B 216 32.28 -1.48 32.71
CA PRO B 216 32.73 -2.67 32.02
C PRO B 216 33.73 -2.22 30.96
N LEU B 217 34.79 -2.99 30.74
CA LEU B 217 35.72 -2.74 29.61
C LEU B 217 34.92 -2.69 28.31
N ASN B 218 35.22 -1.70 27.45
CA ASN B 218 34.56 -1.57 26.13
C ASN B 218 35.33 -2.38 25.07
N THR B 219 34.68 -3.39 24.51
CA THR B 219 35.20 -4.26 23.41
C THR B 219 34.32 -4.16 22.17
N THR B 220 33.31 -3.26 22.14
CA THR B 220 32.32 -3.12 21.02
C THR B 220 32.82 -2.02 20.08
N ARG B 221 33.44 -0.95 20.61
CA ARG B 221 34.06 0.11 19.79
C ARG B 221 35.15 -0.53 18.93
N ILE B 222 34.99 -0.44 17.61
CA ILE B 222 35.96 -0.95 16.63
C ILE B 222 36.37 0.25 15.78
N ASN B 223 37.48 0.10 15.08
CA ASN B 223 37.84 1.00 13.97
C ASN B 223 37.01 0.58 12.75
N ALA B 224 36.37 1.54 12.07
CA ALA B 224 35.42 1.28 10.95
C ALA B 224 36.09 0.41 9.87
N ALA B 225 37.39 0.64 9.62
CA ALA B 225 38.18 -0.07 8.58
C ALA B 225 38.37 -1.56 8.95
N GLU B 226 38.05 -1.97 10.19
CA GLU B 226 38.17 -3.38 10.66
C GLU B 226 36.79 -4.04 10.73
N ILE B 227 35.71 -3.33 10.35
CA ILE B 227 34.32 -3.85 10.48
C ILE B 227 34.23 -5.24 9.84
N GLU B 228 34.97 -5.46 8.74
CA GLU B 228 34.89 -6.74 8.00
C GLU B 228 35.27 -7.86 8.97
N SER B 229 36.41 -7.70 9.61
CA SER B 229 36.96 -8.64 10.62
C SER B 229 35.91 -8.87 11.74
N ARG B 230 35.36 -7.81 12.34
CA ARG B 230 34.41 -7.96 13.50
C ARG B 230 33.15 -8.73 13.05
N VAL B 231 32.75 -8.58 11.80
CA VAL B 231 31.56 -9.30 11.24
C VAL B 231 31.92 -10.78 11.13
N ARG B 232 33.18 -11.11 10.77
CA ARG B 232 33.67 -12.51 10.66
C ARG B 232 33.60 -13.17 12.04
N GLU B 233 34.18 -12.51 13.06
CA GLU B 233 34.12 -12.95 14.49
C GLU B 233 32.67 -13.14 14.92
N LEU B 234 31.83 -12.12 14.73
CA LEU B 234 30.42 -12.10 15.20
C LEU B 234 29.63 -13.23 14.50
N SER B 235 29.99 -13.59 13.26
CA SER B 235 29.28 -14.59 12.43
C SER B 235 29.57 -16.04 12.87
N LYS B 236 30.62 -16.26 13.67
CA LYS B 236 30.98 -17.57 14.26
C LYS B 236 30.03 -17.96 15.40
N LEU B 237 30.03 -19.26 15.73
CA LEU B 237 29.23 -19.87 16.82
C LEU B 237 29.70 -19.26 18.14
N ALA B 238 28.76 -18.91 19.02
CA ALA B 238 29.03 -18.45 20.40
C ALA B 238 29.54 -19.64 21.25
N GLU B 239 28.84 -20.77 21.21
CA GLU B 239 29.15 -22.00 22.00
C GLU B 239 29.14 -23.23 21.06
N THR B 240 29.60 -24.37 21.58
CA THR B 240 29.42 -25.72 20.98
C THR B 240 28.08 -26.31 21.46
N THR B 241 27.48 -25.72 22.50
CA THR B 241 26.19 -26.12 23.13
C THR B 241 25.06 -26.08 22.09
N VAL B 244 22.80 -22.69 16.43
CA VAL B 244 21.89 -21.59 15.99
C VAL B 244 22.51 -20.21 16.32
N LYS B 245 22.99 -20.04 17.56
CA LYS B 245 23.26 -18.69 18.13
C LYS B 245 24.72 -18.31 17.86
N GLN B 246 24.93 -17.16 17.20
CA GLN B 246 26.28 -16.67 16.83
C GLN B 246 26.66 -15.49 17.73
N GLY B 247 27.92 -15.05 17.66
CA GLY B 247 28.46 -13.89 18.42
C GLY B 247 27.53 -12.68 18.37
N PHE B 248 26.83 -12.48 17.25
CA PHE B 248 25.86 -11.37 17.06
C PHE B 248 24.82 -11.46 18.16
N TRP B 249 24.30 -12.67 18.37
CA TRP B 249 23.27 -12.97 19.39
C TRP B 249 23.79 -12.56 20.77
N GLU B 250 25.00 -13.01 21.14
CA GLU B 250 25.71 -12.69 22.40
C GLU B 250 25.75 -11.17 22.64
N GLU B 251 26.25 -10.44 21.64
CA GLU B 251 26.38 -8.98 21.70
C GLU B 251 24.99 -8.35 21.73
N PHE B 252 24.04 -8.87 20.94
CA PHE B 252 22.69 -8.25 20.78
C PHE B 252 21.95 -8.33 22.11
N GLU B 253 21.93 -9.53 22.72
CA GLU B 253 21.19 -9.81 23.98
C GLU B 253 21.90 -9.11 25.16
N THR B 254 23.21 -8.90 25.10
CA THR B 254 23.91 -8.04 26.10
C THR B 254 23.38 -6.60 26.01
N LEU B 255 23.20 -6.08 24.81
CA LEU B 255 22.54 -4.76 24.57
C LEU B 255 21.10 -4.78 25.07
N GLN B 256 20.37 -5.87 24.81
CA GLN B 256 18.95 -6.02 25.18
C GLN B 256 18.83 -5.90 26.70
N GLN B 257 19.75 -6.52 27.42
CA GLN B 257 19.74 -6.52 28.90
C GLN B 257 19.85 -5.07 29.44
N GLN B 258 20.39 -4.14 28.65
CA GLN B 258 20.65 -2.74 29.07
C GLN B 258 19.40 -1.86 28.89
N GLU B 259 18.29 -2.41 28.41
CA GLU B 259 17.06 -1.66 28.06
C GLU B 259 16.28 -1.30 29.32
N CYS B 260 16.53 -2.01 30.43
CA CYS B 260 15.90 -1.74 31.75
C CYS B 260 16.38 -0.40 32.32
N LYS B 261 17.47 0.19 31.81
CA LYS B 261 17.90 1.57 32.19
C LYS B 261 17.11 2.64 31.42
N LEU B 262 16.25 2.26 30.47
CA LEU B 262 15.63 3.24 29.53
C LEU B 262 14.11 3.30 29.75
N LEU B 263 13.64 2.91 30.94
CA LEU B 263 12.20 2.90 31.24
C LEU B 263 11.78 4.31 31.63
N TYR B 264 11.93 5.30 30.74
CA TYR B 264 11.60 6.72 31.02
C TYR B 264 10.09 6.88 30.87
N SER B 265 9.61 7.96 31.47
CA SER B 265 8.16 8.24 31.56
C SER B 265 7.61 8.59 30.18
N ARG B 266 6.37 8.17 29.97
CA ARG B 266 5.57 8.41 28.75
C ARG B 266 4.17 8.87 29.20
N LYS B 267 4.10 9.83 30.11
CA LYS B 267 2.82 10.26 30.70
C LYS B 267 1.96 11.00 29.67
N GLU B 268 2.54 11.89 28.83
CA GLU B 268 1.71 12.70 27.89
C GLU B 268 0.97 11.77 26.93
N GLY B 269 1.64 10.72 26.47
CA GLY B 269 1.09 9.67 25.60
C GLY B 269 -0.13 8.96 26.19
N GLN B 270 -0.31 8.99 27.51
CA GLN B 270 -1.35 8.18 28.20
C GLN B 270 -2.53 9.06 28.63
N ARG B 271 -2.47 10.37 28.42
CA ARG B 271 -3.57 11.32 28.73
C ARG B 271 -4.75 10.88 27.88
N GLN B 272 -5.97 11.02 28.41
CA GLN B 272 -7.23 10.55 27.75
C GLN B 272 -7.28 11.12 26.34
N GLU B 273 -7.00 12.41 26.22
CA GLU B 273 -7.12 13.21 24.97
C GLU B 273 -6.18 12.66 23.88
N ASN B 274 -5.09 11.98 24.28
CA ASN B 274 -3.97 11.59 23.39
C ASN B 274 -4.07 10.11 23.01
N LYS B 275 -5.00 9.35 23.61
CA LYS B 275 -5.01 7.87 23.45
C LYS B 275 -5.25 7.50 21.99
N ASN B 276 -6.15 8.21 21.32
CA ASN B 276 -6.55 7.90 19.92
C ASN B 276 -5.48 8.46 18.95
N LYS B 277 -4.42 9.07 19.46
CA LYS B 277 -3.34 9.60 18.58
C LYS B 277 -2.21 8.58 18.51
N ASN B 278 -2.37 7.41 19.17
CA ASN B 278 -1.34 6.34 19.20
C ASN B 278 -1.79 5.21 18.29
N ARG B 279 -0.99 4.86 17.28
CA ARG B 279 -1.27 3.67 16.45
C ARG B 279 -1.33 2.45 17.37
N TYR B 280 -0.38 2.28 18.26
CA TYR B 280 -0.31 1.16 19.21
C TYR B 280 -0.34 1.71 20.64
N LYS B 281 -1.29 1.23 21.46
CA LYS B 281 -1.70 1.81 22.76
C LYS B 281 -0.50 1.99 23.70
N ASN B 282 0.41 1.02 23.74
CA ASN B 282 1.56 0.95 24.67
C ASN B 282 2.90 1.36 24.01
N ILE B 283 2.93 1.72 22.73
CA ILE B 283 4.18 2.23 22.10
C ILE B 283 4.08 3.75 22.04
N LEU B 284 4.74 4.41 22.98
CA LEU B 284 4.49 5.83 23.33
C LEU B 284 5.80 6.61 23.36
N PRO B 285 5.80 7.91 23.00
CA PRO B 285 7.03 8.70 23.01
C PRO B 285 7.42 9.08 24.44
N PHE B 286 8.71 8.97 24.78
CA PHE B 286 9.28 9.52 26.03
C PHE B 286 8.88 11.00 26.18
N ASP B 287 8.41 11.39 27.36
CA ASP B 287 8.04 12.81 27.67
C ASP B 287 9.24 13.71 27.36
N HIS B 288 10.45 13.32 27.75
CA HIS B 288 11.63 14.23 27.75
C HIS B 288 12.12 14.50 26.33
N THR B 289 11.70 13.76 25.30
CA THR B 289 12.20 13.97 23.91
C THR B 289 11.06 14.13 22.91
N ARG B 290 9.81 14.02 23.36
CA ARG B 290 8.64 14.02 22.46
C ARG B 290 8.67 15.34 21.70
N VAL B 291 8.12 15.36 20.50
CA VAL B 291 7.91 16.64 19.78
C VAL B 291 6.65 17.29 20.38
N VAL B 292 6.81 18.49 20.94
CA VAL B 292 5.69 19.29 21.51
C VAL B 292 5.18 20.19 20.39
N LEU B 293 3.94 20.03 19.96
CA LEU B 293 3.36 20.90 18.91
C LEU B 293 2.82 22.17 19.57
N HIS B 294 3.11 23.35 18.99
CA HIS B 294 2.72 24.70 19.47
C HIS B 294 1.73 25.29 18.46
N ASP B 295 1.41 26.57 18.61
CA ASP B 295 0.52 27.31 17.68
C ASP B 295 -0.71 26.45 17.36
N GLY B 296 -1.30 25.80 18.36
CA GLY B 296 -2.48 24.93 18.21
C GLY B 296 -3.79 25.72 18.29
N ASP B 297 -4.89 25.11 17.81
CA ASP B 297 -6.28 25.57 18.03
C ASP B 297 -6.47 25.94 19.50
N PRO B 298 -6.89 27.18 19.85
CA PRO B 298 -7.26 27.51 21.23
C PRO B 298 -8.50 26.74 21.73
N ASN B 299 -9.41 26.32 20.83
CA ASN B 299 -10.63 25.53 21.15
C ASN B 299 -10.25 24.10 21.60
N GLU B 300 -9.25 23.46 20.98
CA GLU B 300 -8.85 22.06 21.31
C GLU B 300 -8.01 22.06 22.59
N PRO B 301 -8.40 21.30 23.64
CA PRO B 301 -7.77 21.39 24.96
C PRO B 301 -6.33 20.82 25.00
N VAL B 302 -6.12 19.63 24.41
CA VAL B 302 -4.77 19.03 24.24
C VAL B 302 -4.47 18.94 22.75
N SER B 303 -3.69 19.89 22.26
CA SER B 303 -3.32 20.05 20.83
C SER B 303 -1.80 20.00 20.68
N ASP B 304 -1.06 19.59 21.72
CA ASP B 304 0.43 19.67 21.72
C ASP B 304 1.05 18.31 21.46
N TYR B 305 0.25 17.28 21.17
CA TYR B 305 0.73 15.87 21.23
C TYR B 305 0.81 15.22 19.85
N ILE B 306 1.93 14.53 19.63
CA ILE B 306 2.12 13.61 18.47
C ILE B 306 3.06 12.48 18.92
N ASN B 307 2.82 11.27 18.42
CA ASN B 307 3.62 10.10 18.79
C ASN B 307 4.91 10.21 17.94
N ALA B 308 5.89 10.96 18.44
CA ALA B 308 7.13 11.36 17.74
C ALA B 308 8.14 11.82 18.78
N ASN B 309 9.42 11.55 18.52
CA ASN B 309 10.57 11.92 19.39
C ASN B 309 11.67 12.55 18.53
N ILE B 310 12.31 13.61 19.03
CA ILE B 310 13.58 14.13 18.48
C ILE B 310 14.64 13.08 18.80
N ILE B 311 15.42 12.67 17.79
CA ILE B 311 16.62 11.79 17.91
C ILE B 311 17.84 12.61 17.53
N MET B 312 18.75 12.87 18.48
CA MET B 312 20.03 13.55 18.22
C MET B 312 21.18 12.57 18.14
N PRO B 313 22.08 12.71 17.15
CA PRO B 313 23.22 11.81 17.02
C PRO B 313 24.28 11.88 18.15
N GLU B 314 24.27 12.92 18.99
CA GLU B 314 25.19 13.04 20.16
C GLU B 314 24.38 13.44 21.39
N PHE B 315 23.67 12.50 22.01
CA PHE B 315 22.75 12.76 23.16
C PHE B 315 23.41 12.27 24.47
N ASN B 321 24.40 18.21 22.66
CA ASN B 321 23.50 18.92 21.70
C ASN B 321 24.00 18.74 20.26
N SER B 322 23.10 18.39 19.32
CA SER B 322 23.35 18.33 17.87
C SER B 322 22.60 19.47 17.16
N LYS B 323 22.99 19.78 15.92
CA LYS B 323 22.26 20.74 15.06
C LYS B 323 21.00 20.04 14.57
N PRO B 324 19.86 20.76 14.48
CA PRO B 324 18.63 20.22 13.88
C PRO B 324 18.88 19.45 12.58
N LYS B 325 19.66 20.05 11.68
CA LYS B 325 20.01 19.49 10.36
C LYS B 325 20.61 18.08 10.46
N LYS B 326 21.28 17.75 11.55
CA LYS B 326 21.91 16.41 11.76
C LYS B 326 20.97 15.50 12.55
N SER B 327 19.80 16.01 12.91
CA SER B 327 18.87 15.31 13.84
C SER B 327 17.76 14.63 13.05
N TYR B 328 16.97 13.80 13.71
CA TYR B 328 15.84 13.05 13.12
C TYR B 328 14.62 13.29 13.99
N ILE B 329 13.44 13.10 13.42
CA ILE B 329 12.20 12.80 14.18
C ILE B 329 11.78 11.36 13.84
N ALA B 330 11.72 10.50 14.85
CA ALA B 330 11.18 9.14 14.76
C ALA B 330 9.69 9.20 15.13
N THR B 331 8.82 8.77 14.24
CA THR B 331 7.36 8.88 14.44
C THR B 331 6.71 7.64 13.83
N GLN B 332 5.46 7.42 14.17
CA GLN B 332 4.66 6.27 13.72
C GLN B 332 4.07 6.64 12.36
N GLY B 333 3.60 5.64 11.63
CA GLY B 333 2.70 5.85 10.50
C GLY B 333 1.48 6.63 10.94
N CYS B 334 1.15 7.72 10.24
CA CYS B 334 -0.02 8.59 10.51
C CYS B 334 -1.29 7.74 10.65
N LEU B 335 -2.23 8.22 11.47
CA LEU B 335 -3.65 7.80 11.51
C LEU B 335 -4.50 8.87 10.82
N GLN B 336 -5.72 8.55 10.36
CA GLN B 336 -6.69 9.53 9.81
C GLN B 336 -6.75 10.78 10.71
N ASN B 337 -6.83 10.58 12.02
CA ASN B 337 -7.00 11.71 12.98
C ASN B 337 -5.66 12.34 13.39
N THR B 338 -4.52 11.93 12.84
CA THR B 338 -3.20 12.53 13.22
C THR B 338 -2.47 13.09 11.98
N VAL B 339 -3.07 13.00 10.79
CA VAL B 339 -2.50 13.63 9.55
C VAL B 339 -2.25 15.12 9.81
N ASN B 340 -3.25 15.87 10.33
CA ASN B 340 -3.08 17.35 10.47
C ASN B 340 -1.93 17.64 11.44
N ASP B 341 -1.79 16.82 12.47
CA ASP B 341 -0.76 17.00 13.52
C ASP B 341 0.60 16.69 12.91
N PHE B 342 0.67 15.65 12.08
CA PHE B 342 1.90 15.29 11.32
C PHE B 342 2.38 16.50 10.53
N TRP B 343 1.52 17.21 9.80
CA TRP B 343 1.95 18.38 8.96
C TRP B 343 2.32 19.57 9.84
N ARG B 344 1.71 19.70 11.01
CA ARG B 344 2.09 20.77 11.96
C ARG B 344 3.51 20.49 12.48
N MET B 345 3.82 19.23 12.77
CA MET B 345 5.16 18.85 13.26
C MET B 345 6.18 19.22 12.17
N VAL B 346 5.98 18.75 10.95
CA VAL B 346 6.91 18.97 9.79
C VAL B 346 7.11 20.47 9.56
N PHE B 347 6.03 21.26 9.54
CA PHE B 347 6.13 22.73 9.38
C PHE B 347 6.90 23.32 10.57
N GLN B 348 6.50 23.03 11.79
CA GLN B 348 7.03 23.68 13.01
C GLN B 348 8.54 23.41 13.13
N GLU B 349 8.99 22.20 12.83
CA GLU B 349 10.39 21.76 13.04
C GLU B 349 11.27 22.02 11.80
N ASN B 350 10.69 22.60 10.73
CA ASN B 350 11.41 23.03 9.50
C ASN B 350 12.01 21.83 8.77
N SER B 351 11.47 20.65 9.03
CA SER B 351 11.74 19.39 8.31
C SER B 351 11.55 19.55 6.80
N ARG B 352 12.53 19.13 6.01
CA ARG B 352 12.47 19.23 4.53
C ARG B 352 12.62 17.86 3.90
N VAL B 353 12.79 16.82 4.69
CA VAL B 353 12.91 15.44 4.16
C VAL B 353 12.09 14.51 5.06
N ILE B 354 11.28 13.66 4.46
CA ILE B 354 10.53 12.60 5.17
C ILE B 354 10.99 11.30 4.54
N VAL B 355 11.37 10.34 5.37
CA VAL B 355 11.73 8.95 4.97
C VAL B 355 10.60 8.03 5.40
N MET B 356 9.95 7.34 4.47
CA MET B 356 8.86 6.39 4.82
C MET B 356 9.32 4.98 4.46
N THR B 357 9.33 4.05 5.42
CA THR B 357 9.91 2.68 5.25
C THR B 357 8.81 1.63 5.42
N THR B 358 7.59 1.94 4.99
CA THR B 358 6.45 0.99 4.99
C THR B 358 5.64 1.21 3.73
N LYS B 359 4.89 0.21 3.29
CA LYS B 359 3.71 0.51 2.43
C LYS B 359 2.59 1.05 3.32
N GLU B 360 1.55 1.65 2.73
CA GLU B 360 0.35 2.05 3.49
C GLU B 360 -0.30 0.78 4.07
N VAL B 361 -0.34 -0.30 3.31
CA VAL B 361 -0.93 -1.62 3.72
C VAL B 361 0.12 -2.70 3.51
N GLU B 362 0.29 -3.54 4.54
CA GLU B 362 1.12 -4.77 4.48
C GLU B 362 0.31 -5.90 5.15
N ARG B 363 0.26 -7.07 4.51
CA ARG B 363 -0.53 -8.26 4.98
C ARG B 363 -1.98 -7.90 5.26
N GLY B 364 -2.56 -6.99 4.47
CA GLY B 364 -3.98 -6.55 4.56
C GLY B 364 -4.22 -5.61 5.73
N LYS B 365 -3.17 -5.07 6.37
CA LYS B 365 -3.32 -4.24 7.60
C LYS B 365 -2.75 -2.86 7.34
N SER B 366 -3.47 -1.82 7.75
CA SER B 366 -3.03 -0.41 7.57
C SER B 366 -1.81 -0.20 8.48
N LYS B 367 -0.74 0.34 7.92
CA LYS B 367 0.50 0.73 8.62
C LYS B 367 0.60 2.25 8.67
N CYS B 368 0.10 2.94 7.66
CA CYS B 368 0.22 4.40 7.49
C CYS B 368 -0.90 4.88 6.55
N VAL B 369 -1.66 5.88 6.95
CA VAL B 369 -2.69 6.47 6.03
C VAL B 369 -1.94 7.32 5.01
N LYS B 370 -2.53 7.50 3.83
CA LYS B 370 -1.98 8.39 2.78
C LYS B 370 -2.11 9.80 3.30
N TYR B 371 -1.01 10.39 3.77
CA TYR B 371 -0.99 11.76 4.34
C TYR B 371 -0.53 12.78 3.28
N TRP B 372 -0.21 12.31 2.07
CA TRP B 372 0.20 13.22 0.97
C TRP B 372 -0.88 13.25 -0.12
N PRO B 373 -0.97 14.35 -0.90
CA PRO B 373 -1.86 14.40 -2.04
C PRO B 373 -1.37 13.53 -3.21
N ASP B 374 -2.30 13.13 -4.07
CA ASP B 374 -1.97 12.52 -5.39
C ASP B 374 -1.11 13.50 -6.19
N GLU B 375 -0.39 12.97 -7.18
CA GLU B 375 0.58 13.72 -8.02
C GLU B 375 -0.18 14.84 -8.68
N TYR B 376 0.28 16.08 -8.49
CA TYR B 376 -0.22 17.32 -9.12
C TYR B 376 -1.44 17.87 -8.38
N ALA B 377 -1.90 17.21 -7.33
CA ALA B 377 -3.07 17.66 -6.56
C ALA B 377 -2.60 18.51 -5.38
N LEU B 378 -3.55 19.31 -4.88
CA LEU B 378 -3.37 20.20 -3.71
C LEU B 378 -4.42 19.80 -2.68
N LYS B 379 -4.03 19.62 -1.42
CA LYS B 379 -4.94 19.31 -0.28
C LYS B 379 -4.57 20.19 0.91
N GLU B 380 -5.60 20.58 1.67
CA GLU B 380 -5.46 21.21 3.01
C GLU B 380 -5.60 20.11 4.06
N TYR B 381 -4.62 20.04 4.97
CA TYR B 381 -4.66 19.25 6.21
C TYR B 381 -4.74 20.23 7.37
N GLY B 382 -5.96 20.54 7.84
CA GLY B 382 -6.18 21.66 8.78
C GLY B 382 -5.60 22.96 8.24
N VAL B 383 -4.69 23.60 8.97
CA VAL B 383 -4.15 24.94 8.57
C VAL B 383 -2.96 24.76 7.61
N MET B 384 -2.60 23.51 7.28
CA MET B 384 -1.47 23.25 6.34
C MET B 384 -2.03 22.88 4.96
N ARG B 385 -1.37 23.40 3.95
CA ARG B 385 -1.64 23.11 2.53
C ARG B 385 -0.43 22.33 2.00
N VAL B 386 -0.68 21.25 1.26
CA VAL B 386 0.38 20.48 0.58
C VAL B 386 0.04 20.33 -0.89
N ARG B 387 1.02 20.61 -1.74
CA ARG B 387 0.99 20.32 -3.19
C ARG B 387 1.95 19.17 -3.44
N ASN B 388 1.48 18.14 -4.13
CA ASN B 388 2.35 17.10 -4.72
C ASN B 388 2.80 17.60 -6.09
N VAL B 389 4.00 18.15 -6.19
CA VAL B 389 4.52 18.81 -7.43
C VAL B 389 4.86 17.73 -8.45
N LYS B 390 5.53 16.65 -8.04
CA LYS B 390 6.10 15.67 -9.00
C LYS B 390 6.55 14.43 -8.24
N GLU B 391 6.21 13.25 -8.76
CA GLU B 391 6.73 11.95 -8.27
C GLU B 391 7.80 11.45 -9.25
N SER B 392 8.82 10.77 -8.73
CA SER B 392 9.88 10.06 -9.50
C SER B 392 10.00 8.64 -8.95
N ALA B 393 9.77 7.61 -9.74
CA ALA B 393 9.86 6.20 -9.28
C ALA B 393 11.28 5.71 -9.56
N ALA B 394 11.92 5.06 -8.58
CA ALA B 394 13.17 4.30 -8.74
C ALA B 394 12.88 2.83 -8.43
N HIS B 395 13.88 1.97 -8.46
CA HIS B 395 13.66 0.50 -8.30
C HIS B 395 13.07 0.26 -6.90
N ASP B 396 13.65 0.89 -5.87
CA ASP B 396 13.37 0.53 -4.46
C ASP B 396 12.46 1.57 -3.81
N TYR B 397 12.24 2.73 -4.43
CA TYR B 397 11.55 3.84 -3.70
C TYR B 397 10.89 4.81 -4.68
N THR B 398 9.94 5.58 -4.18
CA THR B 398 9.29 6.70 -4.90
C THR B 398 9.72 8.01 -4.21
N LEU B 399 10.08 9.04 -4.95
CA LEU B 399 10.32 10.40 -4.38
C LEU B 399 9.12 11.29 -4.71
N ARG B 400 8.53 11.93 -3.72
CA ARG B 400 7.45 12.93 -3.91
C ARG B 400 7.98 14.30 -3.51
N GLU B 401 8.00 15.24 -4.45
CA GLU B 401 8.36 16.64 -4.19
C GLU B 401 7.08 17.37 -3.75
N LEU B 402 6.93 17.61 -2.45
CA LEU B 402 5.75 18.24 -1.85
C LEU B 402 6.05 19.71 -1.58
N LYS B 403 5.10 20.63 -1.82
CA LYS B 403 5.21 22.02 -1.33
C LYS B 403 4.24 22.20 -0.15
N LEU B 404 4.78 22.52 1.02
CA LEU B 404 4.03 22.72 2.30
C LEU B 404 4.06 24.21 2.67
N SER B 405 2.90 24.73 3.04
CA SER B 405 2.69 26.15 3.43
C SER B 405 1.57 26.20 4.49
N LYS B 406 1.59 27.23 5.33
CA LYS B 406 0.47 27.54 6.25
C LYS B 406 -0.61 28.25 5.42
N VAL B 407 -1.83 27.78 5.49
CA VAL B 407 -3.02 28.46 4.89
C VAL B 407 -2.99 29.93 5.40
N GLY B 408 -3.05 30.91 4.50
CA GLY B 408 -3.07 32.34 4.87
C GLY B 408 -1.68 32.99 4.88
N GLN B 409 -0.62 32.24 4.53
CA GLN B 409 0.78 32.75 4.53
C GLN B 409 1.56 32.08 3.39
N GLY B 410 1.31 32.52 2.15
CA GLY B 410 1.95 31.98 0.94
C GLY B 410 3.47 32.02 1.06
N ASN B 411 3.98 33.03 1.78
CA ASN B 411 5.45 33.25 1.95
C ASN B 411 6.04 32.25 2.93
N THR B 412 5.27 31.32 3.49
CA THR B 412 5.79 30.24 4.36
C THR B 412 6.01 28.93 3.59
N GLU B 413 5.95 28.94 2.26
CA GLU B 413 6.10 27.71 1.43
C GLU B 413 7.54 27.20 1.55
N ARG B 414 7.72 25.90 1.69
CA ARG B 414 9.04 25.23 1.57
C ARG B 414 8.79 23.85 0.94
N THR B 415 9.75 23.36 0.16
CA THR B 415 9.73 22.00 -0.44
C THR B 415 10.08 20.98 0.65
N VAL B 416 9.24 19.94 0.76
CA VAL B 416 9.49 18.73 1.59
C VAL B 416 9.60 17.53 0.64
N TRP B 417 10.71 16.82 0.74
CA TRP B 417 11.03 15.72 -0.20
C TRP B 417 10.67 14.42 0.54
N GLN B 418 9.68 13.68 0.05
CA GLN B 418 9.27 12.40 0.69
C GLN B 418 9.88 11.26 -0.11
N TYR B 419 10.80 10.54 0.55
CA TYR B 419 11.48 9.30 0.11
C TYR B 419 10.74 8.08 0.66
N HIS B 420 9.94 7.48 -0.19
CA HIS B 420 9.06 6.37 0.17
C HIS B 420 9.70 5.07 -0.32
N PHE B 421 10.42 4.41 0.58
CA PHE B 421 11.01 3.07 0.38
C PHE B 421 9.87 2.05 0.38
N ARG B 422 9.75 1.30 -0.70
CA ARG B 422 8.52 0.52 -0.99
C ARG B 422 8.84 -0.98 -1.05
N THR B 423 10.10 -1.41 -0.89
CA THR B 423 10.43 -2.84 -1.16
C THR B 423 10.94 -3.56 0.10
N TRP B 424 10.90 -2.94 1.28
CA TRP B 424 11.25 -3.62 2.55
C TRP B 424 10.34 -4.85 2.70
N PRO B 425 10.89 -6.04 3.02
CA PRO B 425 10.03 -7.22 3.15
C PRO B 425 9.02 -7.04 4.29
N ASP B 426 7.90 -7.76 4.19
CA ASP B 426 6.78 -7.68 5.16
C ASP B 426 7.27 -8.06 6.55
N HIS B 427 8.17 -9.05 6.60
CA HIS B 427 8.79 -9.66 7.80
C HIS B 427 10.31 -9.62 7.66
N GLY B 428 11.07 -9.48 8.74
CA GLY B 428 12.55 -9.54 8.68
C GLY B 428 13.14 -8.30 7.99
N VAL B 429 14.27 -8.46 7.31
CA VAL B 429 15.09 -7.36 6.75
C VAL B 429 15.50 -7.76 5.35
N PRO B 430 15.95 -6.82 4.48
CA PRO B 430 16.48 -7.19 3.16
C PRO B 430 17.72 -8.08 3.30
N SER B 431 17.90 -9.01 2.36
CA SER B 431 19.05 -9.96 2.27
C SER B 431 20.31 -9.21 1.82
N ASP B 432 20.17 -8.20 0.98
CA ASP B 432 21.30 -7.32 0.62
C ASP B 432 20.99 -5.90 1.08
N PRO B 433 21.96 -5.17 1.65
CA PRO B 433 21.72 -3.81 2.14
C PRO B 433 21.91 -2.73 1.07
N GLY B 434 22.28 -3.12 -0.16
CA GLY B 434 22.59 -2.19 -1.27
C GLY B 434 21.45 -1.21 -1.55
N GLY B 435 20.20 -1.67 -1.65
CA GLY B 435 19.02 -0.82 -1.90
C GLY B 435 18.85 0.27 -0.82
N VAL B 436 18.86 -0.13 0.46
CA VAL B 436 18.78 0.78 1.66
C VAL B 436 19.96 1.78 1.61
N LEU B 437 21.17 1.34 1.31
CA LEU B 437 22.37 2.23 1.33
C LEU B 437 22.29 3.28 0.22
N ASP B 438 21.87 2.91 -0.99
CA ASP B 438 21.74 3.86 -2.13
C ASP B 438 20.60 4.83 -1.81
N PHE B 439 19.53 4.33 -1.17
CA PHE B 439 18.35 5.15 -0.76
C PHE B 439 18.81 6.21 0.24
N LEU B 440 19.46 5.75 1.30
CA LEU B 440 19.90 6.57 2.45
C LEU B 440 20.95 7.59 1.96
N GLU B 441 21.81 7.19 1.03
CA GLU B 441 22.86 8.07 0.45
C GLU B 441 22.17 9.23 -0.25
N GLU B 442 21.10 8.94 -0.99
CA GLU B 442 20.27 9.97 -1.69
C GLU B 442 19.59 10.87 -0.66
N VAL B 443 19.02 10.27 0.39
CA VAL B 443 18.30 11.03 1.44
C VAL B 443 19.33 11.97 2.09
N HIS B 444 20.52 11.46 2.37
CA HIS B 444 21.57 12.22 3.07
C HIS B 444 21.94 13.43 2.20
N HIS B 445 22.13 13.21 0.90
CA HIS B 445 22.60 14.27 -0.04
C HIS B 445 21.49 15.30 -0.18
N LYS B 446 20.22 14.88 -0.24
CA LYS B 446 19.10 15.83 -0.34
C LYS B 446 19.15 16.78 0.87
N GLN B 447 19.16 16.21 2.08
CA GLN B 447 19.17 16.95 3.35
C GLN B 447 20.35 17.92 3.35
N GLU B 448 21.53 17.42 2.94
CA GLU B 448 22.79 18.19 3.04
C GLU B 448 22.71 19.40 2.09
N SER B 449 21.98 19.27 0.99
CA SER B 449 21.75 20.33 -0.03
C SER B 449 20.88 21.50 0.49
N ILE B 450 20.14 21.37 1.59
CA ILE B 450 19.10 22.38 1.97
C ILE B 450 19.59 23.21 3.16
N MET B 451 19.75 24.51 2.95
CA MET B 451 20.24 25.48 3.96
C MET B 451 19.22 25.51 5.11
N ASP B 452 19.70 25.32 6.33
CA ASP B 452 18.93 25.45 7.59
C ASP B 452 17.82 24.39 7.69
N ALA B 453 17.98 23.24 7.06
CA ALA B 453 16.96 22.17 7.10
C ALA B 453 16.78 21.73 8.55
N GLY B 454 15.55 21.46 8.95
CA GLY B 454 15.24 20.83 10.24
C GLY B 454 15.52 19.34 10.18
N PRO B 455 15.14 18.61 11.24
CA PRO B 455 15.42 17.19 11.34
C PRO B 455 14.68 16.42 10.24
N VAL B 456 15.31 15.31 9.86
CA VAL B 456 14.74 14.38 8.86
C VAL B 456 13.70 13.54 9.57
N VAL B 457 12.48 13.57 9.05
CA VAL B 457 11.35 12.78 9.61
C VAL B 457 11.48 11.35 9.08
N VAL B 458 11.52 10.37 9.98
CA VAL B 458 11.59 8.95 9.59
C VAL B 458 10.42 8.25 10.27
N HIS B 459 9.72 7.39 9.54
CA HIS B 459 8.58 6.63 10.11
C HIS B 459 8.39 5.31 9.39
N CYS B 460 7.77 4.37 10.08
CA CYS B 460 7.28 3.11 9.46
C CYS B 460 5.86 2.92 9.99
N SER B 461 5.59 1.84 10.71
CA SER B 461 4.29 1.56 11.35
C SER B 461 4.34 2.17 12.76
N ALA B 462 5.05 1.50 13.68
CA ALA B 462 5.18 1.90 15.09
C ALA B 462 6.25 2.99 15.24
N GLY B 463 7.17 3.08 14.30
CA GLY B 463 8.24 4.09 14.31
C GLY B 463 9.42 3.68 15.17
N ILE B 464 9.68 2.37 15.36
CA ILE B 464 10.82 1.94 16.21
C ILE B 464 11.71 0.92 15.51
N GLY B 465 11.18 -0.02 14.70
CA GLY B 465 12.03 -1.12 14.20
C GLY B 465 12.78 -0.67 12.96
N ARG B 466 12.05 -0.55 11.87
CA ARG B 466 12.61 -0.08 10.56
C ARG B 466 13.12 1.36 10.73
N THR B 467 12.34 2.20 11.38
CA THR B 467 12.70 3.62 11.65
C THR B 467 14.01 3.70 12.41
N GLY B 468 14.16 2.93 13.49
CA GLY B 468 15.38 2.93 14.32
C GLY B 468 16.56 2.37 13.57
N THR B 469 16.33 1.30 12.80
CA THR B 469 17.36 0.66 11.96
C THR B 469 17.93 1.69 10.97
N PHE B 470 17.05 2.40 10.24
CA PHE B 470 17.43 3.42 9.23
C PHE B 470 18.27 4.53 9.88
N ILE B 471 17.79 5.04 11.03
CA ILE B 471 18.41 6.20 11.72
C ILE B 471 19.79 5.73 12.22
N VAL B 472 19.89 4.56 12.85
CA VAL B 472 21.19 4.06 13.39
C VAL B 472 22.19 3.91 12.24
N ILE B 473 21.79 3.31 11.11
CA ILE B 473 22.68 3.16 9.92
C ILE B 473 23.14 4.57 9.49
N ASP B 474 22.24 5.56 9.41
CA ASP B 474 22.59 6.93 8.95
C ASP B 474 23.59 7.59 9.92
N ILE B 475 23.42 7.42 11.23
CA ILE B 475 24.30 8.00 12.28
C ILE B 475 25.70 7.37 12.18
N LEU B 476 25.77 6.05 12.04
CA LEU B 476 27.07 5.33 11.94
C LEU B 476 27.79 5.73 10.66
N ILE B 477 27.06 5.81 9.54
CA ILE B 477 27.68 6.14 8.23
C ILE B 477 28.13 7.61 8.25
N ASP B 478 27.40 8.49 8.94
CA ASP B 478 27.75 9.93 9.05
C ASP B 478 29.08 10.13 9.80
N ILE B 479 29.40 9.28 10.76
CA ILE B 479 30.71 9.33 11.48
C ILE B 479 31.82 9.07 10.44
N ILE B 480 31.64 8.07 9.59
CA ILE B 480 32.63 7.66 8.55
C ILE B 480 32.72 8.78 7.49
N ARG B 481 31.59 9.38 7.09
CA ARG B 481 31.57 10.54 6.16
C ARG B 481 32.44 11.69 6.69
N GLU B 482 32.35 11.99 7.98
CA GLU B 482 32.96 13.20 8.58
C GLU B 482 34.42 12.92 8.94
N LYS B 483 34.78 11.69 9.34
CA LYS B 483 36.07 11.40 10.01
C LYS B 483 36.97 10.49 9.15
N GLY B 484 36.42 9.75 8.17
CA GLY B 484 37.16 8.77 7.35
C GLY B 484 37.11 7.38 7.95
N VAL B 485 37.64 6.38 7.22
CA VAL B 485 37.54 4.93 7.58
C VAL B 485 38.38 4.63 8.83
N ASP B 486 39.32 5.51 9.19
CA ASP B 486 39.97 5.55 10.52
C ASP B 486 39.15 6.49 11.40
N CYS B 487 38.06 5.94 11.93
CA CYS B 487 37.28 6.53 13.02
C CYS B 487 36.81 5.36 13.88
N ASP B 488 36.46 5.63 15.13
CA ASP B 488 35.81 4.64 16.01
C ASP B 488 34.31 4.69 15.74
N ILE B 489 33.71 3.51 15.60
CA ILE B 489 32.24 3.30 15.63
C ILE B 489 31.96 2.25 16.71
N ASP B 490 30.82 2.40 17.38
CA ASP B 490 30.36 1.47 18.44
C ASP B 490 28.87 1.24 18.19
N VAL B 491 28.52 0.12 17.57
CA VAL B 491 27.11 -0.12 17.14
C VAL B 491 26.21 -0.11 18.38
N PRO B 492 26.41 -0.96 19.41
CA PRO B 492 25.50 -0.97 20.57
C PRO B 492 25.45 0.36 21.33
N LYS B 493 26.57 1.08 21.39
CA LYS B 493 26.62 2.37 22.10
C LYS B 493 25.61 3.31 21.42
N THR B 494 25.66 3.40 20.09
CA THR B 494 24.81 4.30 19.25
C THR B 494 23.35 3.88 19.38
N ILE B 495 23.07 2.57 19.36
CA ILE B 495 21.70 2.02 19.59
C ILE B 495 21.22 2.41 21.00
N GLN B 496 22.01 2.20 22.06
CA GLN B 496 21.61 2.60 23.44
C GLN B 496 21.27 4.09 23.47
N MET B 497 22.08 4.89 22.80
CA MET B 497 21.92 6.37 22.77
C MET B 497 20.58 6.73 22.10
N VAL B 498 20.22 6.06 21.01
CA VAL B 498 18.95 6.30 20.27
C VAL B 498 17.79 5.74 21.07
N ARG B 499 17.99 4.60 21.74
CA ARG B 499 16.93 3.98 22.58
C ARG B 499 16.64 4.84 23.83
N SER B 500 17.58 5.71 24.22
CA SER B 500 17.38 6.70 25.31
CA SER B 500 17.39 6.71 25.31
C SER B 500 16.42 7.80 24.85
N GLN B 501 16.16 7.89 23.55
CA GLN B 501 15.37 9.01 22.97
C GLN B 501 14.01 8.54 22.42
N ARG B 502 13.84 7.24 22.16
CA ARG B 502 12.52 6.66 21.80
C ARG B 502 12.61 5.16 22.06
N SER B 503 11.57 4.61 22.69
CA SER B 503 11.52 3.20 23.17
C SER B 503 11.84 2.22 22.03
N GLY B 504 12.73 1.25 22.25
CA GLY B 504 12.82 0.05 21.39
C GLY B 504 13.30 0.33 19.99
N MET B 505 14.04 1.43 19.76
CA MET B 505 14.68 1.70 18.44
C MET B 505 15.65 0.54 18.12
N VAL B 506 15.40 -0.14 17.02
CA VAL B 506 16.04 -1.43 16.64
C VAL B 506 15.36 -2.52 17.46
N GLN B 507 14.55 -3.33 16.79
CA GLN B 507 13.63 -4.30 17.43
C GLN B 507 14.27 -5.68 17.51
N THR B 508 15.04 -6.08 16.51
CA THR B 508 15.38 -7.52 16.32
C THR B 508 16.85 -7.74 16.08
N GLU B 509 17.25 -8.98 16.32
CA GLU B 509 18.63 -9.44 16.06
C GLU B 509 18.92 -9.35 14.56
N ALA B 510 17.95 -9.65 13.68
CA ALA B 510 18.11 -9.53 12.21
C ALA B 510 18.41 -8.07 11.82
N GLN B 511 17.73 -7.08 12.41
CA GLN B 511 18.01 -5.63 12.13
C GLN B 511 19.40 -5.28 12.65
N TYR B 512 19.78 -5.81 13.81
CA TYR B 512 21.13 -5.63 14.42
C TYR B 512 22.21 -6.09 13.43
N ARG B 513 22.11 -7.33 12.91
CA ARG B 513 23.01 -7.87 11.87
C ARG B 513 22.95 -6.96 10.63
N PHE B 514 21.76 -6.56 10.22
CA PHE B 514 21.56 -5.72 9.01
C PHE B 514 22.35 -4.42 9.10
N ILE B 515 22.38 -3.80 10.28
CA ILE B 515 23.12 -2.53 10.55
C ILE B 515 24.62 -2.78 10.37
N TYR B 516 25.17 -3.80 11.02
CA TYR B 516 26.57 -4.24 10.77
C TYR B 516 26.80 -4.47 9.27
N MET B 517 25.93 -5.23 8.57
CA MET B 517 26.10 -5.57 7.13
C MET B 517 26.03 -4.29 6.28
N ALA B 518 25.14 -3.36 6.63
CA ALA B 518 25.00 -2.06 5.93
C ALA B 518 26.30 -1.28 6.04
N VAL B 519 26.82 -1.10 7.25
CA VAL B 519 28.07 -0.30 7.51
C VAL B 519 29.24 -1.01 6.80
N GLN B 520 29.30 -2.34 6.87
CA GLN B 520 30.35 -3.15 6.18
C GLN B 520 30.35 -2.81 4.68
N HIS B 521 29.18 -2.93 4.05
CA HIS B 521 28.93 -2.70 2.60
C HIS B 521 29.30 -1.26 2.22
N TYR B 522 28.97 -0.26 3.05
CA TYR B 522 29.28 1.16 2.74
C TYR B 522 30.80 1.36 2.72
N ILE B 523 31.51 0.73 3.65
CA ILE B 523 32.99 0.80 3.73
C ILE B 523 33.60 0.07 2.52
N GLU B 524 33.04 -1.09 2.12
CA GLU B 524 33.57 -1.94 1.02
C GLU B 524 33.47 -1.26 -0.35
N THR B 525 32.70 -0.16 -0.50
CA THR B 525 32.46 0.56 -1.79
C THR B 525 32.97 2.00 -1.71
N LEU B 526 34.05 2.23 -0.95
CA LEU B 526 34.57 3.58 -0.62
C LEU B 526 35.90 3.83 -1.33
#